data_8E62
#
_entry.id   8E62
#
_cell.length_a   82.113
_cell.length_b   79.768
_cell.length_c   96.616
_cell.angle_alpha   90.000
_cell.angle_beta   114.280
_cell.angle_gamma   90.000
#
_symmetry.space_group_name_H-M   'P 1 21 1'
#
loop_
_entity.id
_entity.type
_entity.pdbx_description
1 polymer 'UDP-N-acetylglucosamine acyltransferase'
2 non-polymer '(2S,3S,4R,5R,6R)-5-(acetylamino)-4-amino-6-{[(R)-{[(R)-{[(2R,3S,4R,5R)-5-(2,4-dioxo-3,4-dihydropyrimidin-1(2H)-yl)-3,4-dihydroxytetrahydrofuran-2-yl]methoxy}(hydroxy)phosphoryl]oxy}(hydroxy)phosphoryl]oxy}-3-hydroxytetrahydro-2H-pyran-2-carboxylic acid'
3 non-polymer 'COENZYME A'
4 non-polymer 'SODIUM ION'
5 water water
#
_entity_poly.entity_id   1
_entity_poly.type   'polypeptide(L)'
_entity_poly.pdbx_seq_one_letter_code
;GGHMNNNAQIHPSAVIHEGVIIEDDVYIGPNCIIGYPPEDKAVFPQTPYTVHICSGTKITGNVTIDAGTIKNTYIGNDCF
LMKGAYVAHDVVIGNNVTLSSHVMLGGHVEVMEGANLGMGCIIHQRQKIWHYCMIGMGAIVTKKLVIEPFSIYVGNPAKK
IGTNDKGIEKSGIDERAMATIQEEFNARR
;
_entity_poly.pdbx_strand_id   A,B,C,D,E,F
#
# COMPACT_ATOMS: atom_id res chain seq x y z
N ASN A 7 -49.35 22.63 -14.55
CA ASN A 7 -48.71 23.79 -13.82
C ASN A 7 -47.30 23.38 -13.32
N ALA A 8 -47.06 22.09 -13.02
CA ALA A 8 -45.68 21.59 -12.82
C ALA A 8 -44.87 21.98 -14.06
N GLN A 9 -43.64 22.49 -13.85
CA GLN A 9 -42.71 22.88 -14.93
C GLN A 9 -41.70 21.75 -15.15
N ILE A 10 -41.87 21.05 -16.24
CA ILE A 10 -41.15 19.78 -16.52
C ILE A 10 -40.36 19.98 -17.80
N HIS A 11 -39.05 19.86 -17.70
CA HIS A 11 -38.19 20.02 -18.88
C HIS A 11 -38.56 18.97 -19.93
N PRO A 12 -38.58 19.32 -21.23
CA PRO A 12 -38.90 18.35 -22.29
C PRO A 12 -38.04 17.09 -22.28
N SER A 13 -36.79 17.19 -21.84
CA SER A 13 -35.83 16.07 -21.81
C SER A 13 -36.00 15.18 -20.57
N ALA A 14 -36.83 15.56 -19.60
CA ALA A 14 -37.14 14.71 -18.42
C ALA A 14 -37.90 13.47 -18.89
N VAL A 15 -37.55 12.31 -18.35
CA VAL A 15 -38.21 11.04 -18.72
C VAL A 15 -39.11 10.63 -17.56
N ILE A 16 -40.42 10.70 -17.77
CA ILE A 16 -41.42 10.54 -16.68
C ILE A 16 -42.26 9.31 -17.02
N HIS A 17 -42.21 8.29 -16.20
CA HIS A 17 -43.02 7.07 -16.41
C HIS A 17 -44.52 7.38 -16.30
N GLU A 18 -45.32 6.73 -17.13
CA GLU A 18 -46.79 6.67 -16.97
C GLU A 18 -47.12 6.37 -15.51
N GLY A 19 -48.01 7.15 -14.91
CA GLY A 19 -48.51 6.91 -13.55
C GLY A 19 -47.92 7.87 -12.54
N VAL A 20 -46.78 8.51 -12.83
CA VAL A 20 -46.07 9.35 -11.81
C VAL A 20 -47.02 10.49 -11.41
N ILE A 21 -47.07 10.78 -10.13
CA ILE A 21 -47.94 11.86 -9.57
C ILE A 21 -47.03 13.07 -9.30
N ILE A 22 -47.25 14.16 -10.03
CA ILE A 22 -46.48 15.43 -9.85
C ILE A 22 -47.47 16.53 -9.53
N GLU A 23 -47.35 17.12 -8.34
CA GLU A 23 -48.28 18.16 -7.87
C GLU A 23 -47.93 19.49 -8.53
N ASP A 24 -48.70 20.51 -8.21
CA ASP A 24 -48.52 21.88 -8.76
C ASP A 24 -47.26 22.50 -8.11
N ASP A 25 -46.67 23.47 -8.80
CA ASP A 25 -45.48 24.24 -8.35
C ASP A 25 -44.32 23.26 -8.09
N VAL A 26 -44.13 22.29 -8.97
CA VAL A 26 -42.97 21.37 -8.95
C VAL A 26 -42.12 21.70 -10.17
N TYR A 27 -40.80 21.73 -9.98
CA TYR A 27 -39.82 21.91 -11.07
C TYR A 27 -39.09 20.58 -11.26
N ILE A 28 -39.11 20.08 -12.49
CA ILE A 28 -38.33 18.89 -12.89
C ILE A 28 -37.41 19.29 -14.03
N GLY A 29 -36.12 19.22 -13.77
CA GLY A 29 -35.11 19.71 -14.73
C GLY A 29 -34.75 18.69 -15.80
N PRO A 30 -33.77 19.07 -16.65
CA PRO A 30 -33.35 18.26 -17.78
C PRO A 30 -32.95 16.84 -17.38
N ASN A 31 -33.39 15.86 -18.16
CA ASN A 31 -32.85 14.47 -18.15
C ASN A 31 -33.14 13.74 -16.85
N CYS A 32 -34.06 14.22 -16.02
CA CYS A 32 -34.46 13.44 -14.82
C CYS A 32 -35.08 12.11 -15.31
N ILE A 33 -34.95 11.04 -14.54
CA ILE A 33 -35.65 9.75 -14.82
C ILE A 33 -36.54 9.44 -13.61
N ILE A 34 -37.83 9.59 -13.78
CA ILE A 34 -38.77 9.48 -12.63
CA ILE A 34 -38.83 9.56 -12.67
C ILE A 34 -39.80 8.40 -12.90
N GLY A 35 -39.87 7.43 -11.99
CA GLY A 35 -40.91 6.40 -11.99
C GLY A 35 -40.56 5.16 -12.78
N TYR A 36 -39.31 5.01 -13.23
CA TYR A 36 -38.86 3.79 -13.91
C TYR A 36 -38.72 2.70 -12.85
N PRO A 37 -38.68 1.43 -13.28
CA PRO A 37 -38.89 0.32 -12.37
C PRO A 37 -37.91 0.29 -11.20
N PRO A 38 -38.37 -0.23 -10.06
CA PRO A 38 -37.49 -0.36 -8.90
C PRO A 38 -36.28 -1.23 -9.22
N GLU A 39 -35.12 -0.85 -8.73
CA GLU A 39 -33.85 -1.61 -8.94
C GLU A 39 -33.80 -2.74 -7.92
N ASP A 40 -34.82 -3.57 -7.97
CA ASP A 40 -35.03 -4.74 -7.09
C ASP A 40 -35.19 -5.91 -8.04
N LYS A 41 -34.23 -6.83 -8.04
CA LYS A 41 -34.20 -7.94 -9.02
C LYS A 41 -35.48 -8.78 -8.96
N ALA A 42 -36.14 -8.87 -7.80
CA ALA A 42 -37.39 -9.66 -7.62
C ALA A 42 -38.58 -9.00 -8.34
N VAL A 43 -38.49 -7.70 -8.67
CA VAL A 43 -39.64 -6.89 -9.16
C VAL A 43 -39.34 -6.40 -10.59
N PHE A 44 -38.16 -5.80 -10.82
CA PHE A 44 -37.74 -5.24 -12.13
C PHE A 44 -38.09 -6.23 -13.25
N PRO A 45 -38.63 -5.80 -14.41
CA PRO A 45 -38.94 -4.40 -14.73
C PRO A 45 -40.37 -3.98 -14.40
N GLN A 46 -41.04 -4.70 -13.50
CA GLN A 46 -42.44 -4.38 -13.14
C GLN A 46 -42.43 -3.08 -12.34
N THR A 47 -43.51 -2.30 -12.46
CA THR A 47 -43.79 -1.10 -11.63
C THR A 47 -45.09 -1.36 -10.88
N PRO A 48 -45.06 -2.05 -9.72
CA PRO A 48 -46.26 -2.24 -8.91
C PRO A 48 -46.79 -0.94 -8.26
N TYR A 49 -45.87 0.00 -7.98
CA TYR A 49 -46.17 1.35 -7.45
C TYR A 49 -45.46 2.38 -8.32
N THR A 50 -45.55 3.65 -7.95
CA THR A 50 -45.01 4.76 -8.77
C THR A 50 -44.25 5.70 -7.83
N VAL A 51 -44.24 6.97 -8.19
CA VAL A 51 -43.55 8.07 -7.48
C VAL A 51 -44.60 9.16 -7.29
N HIS A 52 -44.54 9.85 -6.15
CA HIS A 52 -45.43 11.00 -5.84
C HIS A 52 -44.52 12.14 -5.41
N ILE A 53 -44.51 13.23 -6.15
CA ILE A 53 -43.67 14.42 -5.82
C ILE A 53 -44.63 15.55 -5.44
N CYS A 54 -44.45 16.10 -4.26
CA CYS A 54 -45.41 17.07 -3.68
C CYS A 54 -45.02 18.52 -4.00
N SER A 55 -46.00 19.41 -3.86
CA SER A 55 -45.92 20.79 -4.35
C SER A 55 -44.72 21.51 -3.73
N GLY A 56 -44.11 22.39 -4.50
CA GLY A 56 -43.00 23.24 -4.04
C GLY A 56 -41.64 22.60 -4.27
N THR A 57 -41.58 21.32 -4.58
CA THR A 57 -40.30 20.58 -4.73
C THR A 57 -39.65 20.96 -6.06
N LYS A 58 -38.34 21.12 -6.02
CA LYS A 58 -37.47 21.45 -7.18
C LYS A 58 -36.48 20.33 -7.33
N ILE A 59 -36.49 19.73 -8.50
CA ILE A 59 -35.56 18.65 -8.88
C ILE A 59 -34.76 19.16 -10.08
N THR A 60 -33.47 19.42 -9.92
CA THR A 60 -32.77 20.42 -10.79
C THR A 60 -32.31 19.79 -12.11
N GLY A 61 -32.01 18.49 -12.16
CA GLY A 61 -31.46 17.87 -13.37
CA GLY A 61 -31.46 17.87 -13.37
C GLY A 61 -30.77 16.55 -13.12
N ASN A 62 -30.94 15.61 -14.04
CA ASN A 62 -30.23 14.32 -14.00
C ASN A 62 -30.48 13.60 -12.69
N VAL A 63 -31.62 13.84 -12.06
CA VAL A 63 -32.00 13.14 -10.80
C VAL A 63 -32.78 11.87 -11.17
N THR A 64 -32.53 10.76 -10.48
CA THR A 64 -33.30 9.52 -10.70
C THR A 64 -34.15 9.24 -9.46
N ILE A 65 -35.44 9.02 -9.65
CA ILE A 65 -36.37 8.63 -8.56
C ILE A 65 -37.18 7.43 -9.04
N ASP A 66 -36.87 6.26 -8.51
CA ASP A 66 -37.45 4.97 -8.99
C ASP A 66 -38.84 4.76 -8.36
N ALA A 67 -39.72 4.12 -9.11
CA ALA A 67 -41.03 3.61 -8.65
C ALA A 67 -40.82 2.65 -7.48
N GLY A 68 -41.79 2.55 -6.57
CA GLY A 68 -41.69 1.71 -5.38
C GLY A 68 -41.97 0.24 -5.68
N THR A 69 -41.57 -0.63 -4.77
CA THR A 69 -41.90 -2.07 -4.75
C THR A 69 -43.09 -2.32 -3.82
N ILE A 70 -43.24 -1.56 -2.72
CA ILE A 70 -44.27 -1.84 -1.67
C ILE A 70 -45.11 -0.60 -1.35
N LYS A 71 -44.72 0.56 -1.89
CA LYS A 71 -45.43 1.84 -1.68
C LYS A 71 -44.98 2.80 -2.78
N ASN A 72 -45.71 3.88 -3.00
CA ASN A 72 -45.19 4.97 -3.88
C ASN A 72 -43.94 5.57 -3.24
N THR A 73 -42.84 5.66 -4.00
CA THR A 73 -41.68 6.48 -3.63
C THR A 73 -42.20 7.91 -3.45
N TYR A 74 -41.88 8.55 -2.35
CA TYR A 74 -42.56 9.79 -1.93
C TYR A 74 -41.56 10.90 -1.66
N ILE A 75 -41.73 12.03 -2.33
CA ILE A 75 -40.95 13.29 -2.09
C ILE A 75 -41.93 14.32 -1.56
N GLY A 76 -41.71 14.79 -0.33
CA GLY A 76 -42.59 15.77 0.33
C GLY A 76 -42.48 17.16 -0.26
N ASN A 77 -43.07 18.11 0.45
CA ASN A 77 -43.23 19.52 0.01
C ASN A 77 -41.92 20.31 0.15
N ASP A 78 -41.64 21.22 -0.81
CA ASP A 78 -40.57 22.23 -0.71
C ASP A 78 -39.19 21.57 -0.51
N CYS A 79 -38.98 20.42 -1.10
CA CYS A 79 -37.65 19.77 -1.13
C CYS A 79 -36.82 20.38 -2.26
N PHE A 80 -35.52 20.15 -2.21
CA PHE A 80 -34.56 20.62 -3.23
C PHE A 80 -33.58 19.49 -3.49
N LEU A 81 -33.63 18.93 -4.70
CA LEU A 81 -32.83 17.74 -5.08
C LEU A 81 -31.90 18.19 -6.21
N MET A 82 -30.60 18.05 -6.00
CA MET A 82 -29.61 18.67 -6.91
C MET A 82 -29.05 17.61 -7.87
N LYS A 83 -28.20 18.01 -8.82
CA LYS A 83 -27.86 17.19 -9.99
C LYS A 83 -27.39 15.78 -9.60
N GLY A 84 -27.95 14.77 -10.24
CA GLY A 84 -27.40 13.42 -10.14
C GLY A 84 -27.82 12.69 -8.88
N ALA A 85 -28.64 13.28 -8.01
CA ALA A 85 -29.15 12.55 -6.82
C ALA A 85 -29.86 11.29 -7.28
N TYR A 86 -29.72 10.24 -6.49
CA TYR A 86 -30.29 8.90 -6.70
C TYR A 86 -31.23 8.61 -5.55
N VAL A 87 -32.52 8.49 -5.86
CA VAL A 87 -33.57 8.13 -4.87
C VAL A 87 -34.10 6.75 -5.25
N ALA A 88 -33.74 5.74 -4.46
CA ALA A 88 -34.16 4.36 -4.76
C ALA A 88 -35.66 4.14 -4.49
N HIS A 89 -36.13 2.96 -4.90
CA HIS A 89 -37.51 2.47 -4.64
C HIS A 89 -37.87 2.65 -3.16
N ASP A 90 -39.09 3.14 -2.91
CA ASP A 90 -39.74 3.04 -1.58
C ASP A 90 -39.14 4.06 -0.63
N VAL A 91 -38.28 4.95 -1.11
CA VAL A 91 -37.80 6.08 -0.26
C VAL A 91 -38.98 7.01 0.06
N VAL A 92 -39.01 7.51 1.29
CA VAL A 92 -39.96 8.57 1.75
C VAL A 92 -39.13 9.75 2.24
N ILE A 93 -39.26 10.88 1.57
CA ILE A 93 -38.58 12.13 1.94
C ILE A 93 -39.63 13.09 2.48
N GLY A 94 -39.40 13.60 3.68
CA GLY A 94 -40.32 14.56 4.29
C GLY A 94 -40.16 15.93 3.69
N ASN A 95 -40.69 16.94 4.38
CA ASN A 95 -40.76 18.32 3.86
C ASN A 95 -39.44 19.05 4.09
N ASN A 96 -39.10 19.98 3.18
CA ASN A 96 -37.98 20.93 3.38
C ASN A 96 -36.65 20.18 3.48
N VAL A 97 -36.51 19.07 2.77
CA VAL A 97 -35.26 18.28 2.70
C VAL A 97 -34.41 18.77 1.52
N THR A 98 -33.11 18.84 1.74
CA THR A 98 -32.12 19.16 0.69
C THR A 98 -31.25 17.93 0.43
N LEU A 99 -31.19 17.49 -0.82
CA LEU A 99 -30.22 16.48 -1.28
C LEU A 99 -29.28 17.20 -2.21
N SER A 100 -28.01 17.26 -1.83
CA SER A 100 -26.96 17.84 -2.69
C SER A 100 -26.70 16.94 -3.88
N SER A 101 -25.81 17.38 -4.75
CA SER A 101 -25.44 16.60 -5.95
C SER A 101 -24.96 15.18 -5.60
N HIS A 102 -25.41 14.19 -6.38
CA HIS A 102 -24.99 12.76 -6.31
C HIS A 102 -25.24 12.12 -4.94
N VAL A 103 -26.16 12.65 -4.13
CA VAL A 103 -26.61 11.98 -2.89
C VAL A 103 -27.24 10.64 -3.33
N MET A 104 -26.92 9.55 -2.63
CA MET A 104 -27.49 8.22 -2.93
C MET A 104 -28.28 7.74 -1.71
N LEU A 105 -29.59 7.58 -1.90
CA LEU A 105 -30.55 7.00 -0.91
C LEU A 105 -30.91 5.58 -1.33
N GLY A 106 -30.44 4.59 -0.58
CA GLY A 106 -30.79 3.18 -0.83
C GLY A 106 -32.28 2.91 -0.63
N GLY A 107 -32.72 1.72 -1.02
CA GLY A 107 -34.12 1.32 -0.90
C GLY A 107 -34.69 1.58 0.49
N HIS A 108 -35.92 2.11 0.55
CA HIS A 108 -36.73 2.20 1.79
C HIS A 108 -36.17 3.21 2.78
N VAL A 109 -35.16 4.01 2.40
CA VAL A 109 -34.62 5.06 3.29
C VAL A 109 -35.74 6.08 3.58
N GLU A 110 -35.82 6.53 4.82
CA GLU A 110 -36.69 7.64 5.21
C GLU A 110 -35.81 8.84 5.61
N VAL A 111 -36.13 10.02 5.11
CA VAL A 111 -35.41 11.27 5.46
C VAL A 111 -36.46 12.19 6.03
N MET A 112 -36.27 12.62 7.28
CA MET A 112 -37.28 13.43 8.01
C MET A 112 -37.09 14.92 7.74
N GLU A 113 -38.11 15.73 8.10
CA GLU A 113 -38.18 17.21 8.03
C GLU A 113 -36.83 17.92 8.16
N GLY A 114 -36.50 18.73 7.15
CA GLY A 114 -35.40 19.71 7.17
C GLY A 114 -34.03 19.09 7.16
N ALA A 115 -33.88 17.78 6.96
CA ALA A 115 -32.56 17.14 6.80
C ALA A 115 -31.83 17.74 5.58
N ASN A 116 -30.51 17.80 5.69
CA ASN A 116 -29.59 18.34 4.67
C ASN A 116 -28.52 17.29 4.40
N LEU A 117 -28.55 16.70 3.20
CA LEU A 117 -27.57 15.67 2.81
C LEU A 117 -26.57 16.28 1.83
N GLY A 118 -25.28 16.22 2.18
CA GLY A 118 -24.19 16.88 1.43
C GLY A 118 -23.74 16.07 0.23
N MET A 119 -22.92 16.67 -0.61
CA MET A 119 -22.55 16.09 -1.94
C MET A 119 -22.05 14.65 -1.77
N GLY A 120 -22.63 13.71 -2.54
CA GLY A 120 -22.14 12.35 -2.70
C GLY A 120 -22.17 11.54 -1.42
N CYS A 121 -22.93 11.93 -0.41
CA CYS A 121 -23.11 11.01 0.74
C CYS A 121 -23.99 9.83 0.31
N ILE A 122 -23.86 8.73 1.02
CA ILE A 122 -24.45 7.42 0.62
C ILE A 122 -25.14 6.79 1.83
N ILE A 123 -26.43 6.50 1.67
CA ILE A 123 -27.31 6.03 2.78
C ILE A 123 -27.75 4.59 2.52
N HIS A 124 -27.33 3.67 3.38
CA HIS A 124 -27.70 2.23 3.32
C HIS A 124 -29.22 2.08 3.26
N GLN A 125 -29.66 1.09 2.49
CA GLN A 125 -31.11 0.72 2.43
C GLN A 125 -31.63 0.57 3.86
N ARG A 126 -32.88 1.01 4.05
CA ARG A 126 -33.72 0.91 5.27
C ARG A 126 -33.22 1.84 6.38
N GLN A 127 -32.28 2.74 6.13
CA GLN A 127 -31.84 3.70 7.17
C GLN A 127 -32.91 4.77 7.34
N LYS A 128 -32.77 5.53 8.42
CA LYS A 128 -33.64 6.67 8.72
C LYS A 128 -32.76 7.86 9.10
N ILE A 129 -32.91 8.95 8.38
CA ILE A 129 -32.21 10.23 8.65
C ILE A 129 -33.21 11.14 9.35
N TRP A 130 -32.91 11.50 10.60
CA TRP A 130 -33.88 12.19 11.47
C TRP A 130 -33.87 13.70 11.23
N HIS A 131 -34.80 14.41 11.87
CA HIS A 131 -35.13 15.84 11.61
C HIS A 131 -33.86 16.71 11.73
N TYR A 132 -33.64 17.58 10.76
CA TYR A 132 -32.59 18.65 10.78
C TYR A 132 -31.22 18.01 10.99
N CYS A 133 -31.04 16.75 10.60
CA CYS A 133 -29.68 16.16 10.50
C CYS A 133 -28.92 16.82 9.34
N MET A 134 -27.60 16.85 9.47
CA MET A 134 -26.65 17.24 8.41
C MET A 134 -25.76 16.04 8.14
N ILE A 135 -25.79 15.50 6.92
CA ILE A 135 -24.87 14.40 6.54
C ILE A 135 -23.80 15.03 5.66
N GLY A 136 -22.53 14.95 6.05
CA GLY A 136 -21.44 15.64 5.36
C GLY A 136 -21.15 15.06 3.99
N MET A 137 -20.47 15.83 3.13
CA MET A 137 -20.03 15.35 1.78
C MET A 137 -19.38 13.98 1.95
N GLY A 138 -19.73 13.02 1.07
CA GLY A 138 -19.11 11.69 0.98
C GLY A 138 -19.31 10.76 2.17
N ALA A 139 -20.11 11.12 3.17
CA ALA A 139 -20.31 10.30 4.38
C ALA A 139 -21.01 8.98 4.01
N ILE A 140 -20.55 7.89 4.61
CA ILE A 140 -21.09 6.51 4.37
C ILE A 140 -21.90 6.11 5.61
N VAL A 141 -23.21 6.17 5.49
CA VAL A 141 -24.13 5.74 6.58
C VAL A 141 -24.45 4.26 6.45
N THR A 142 -23.87 3.46 7.36
CA THR A 142 -23.94 1.98 7.39
C THR A 142 -25.19 1.59 8.17
N LYS A 143 -25.55 0.30 8.15
CA LYS A 143 -26.91 -0.14 8.58
C LYS A 143 -27.04 0.04 10.09
N LYS A 144 -25.95 -0.04 10.86
CA LYS A 144 -26.05 -0.11 12.35
C LYS A 144 -26.04 1.29 12.96
N LEU A 145 -25.62 2.31 12.21
CA LEU A 145 -25.54 3.70 12.75
C LEU A 145 -26.94 4.12 13.19
N VAL A 146 -27.07 4.47 14.47
CA VAL A 146 -28.33 5.02 15.03
C VAL A 146 -28.23 6.54 14.82
N ILE A 147 -28.82 7.03 13.73
CA ILE A 147 -28.86 8.49 13.47
C ILE A 147 -29.80 9.10 14.51
N GLU A 148 -29.49 10.30 14.99
CA GLU A 148 -30.32 11.05 15.96
C GLU A 148 -30.70 12.38 15.35
N PRO A 149 -31.89 12.90 15.69
CA PRO A 149 -32.31 14.20 15.20
C PRO A 149 -31.27 15.28 15.56
N PHE A 150 -31.16 16.31 14.71
CA PHE A 150 -30.39 17.57 14.92
C PHE A 150 -28.88 17.32 14.88
N SER A 151 -28.43 16.15 14.42
CA SER A 151 -27.01 15.75 14.54
C SER A 151 -26.28 15.83 13.19
N ILE A 152 -24.97 16.05 13.25
CA ILE A 152 -24.02 16.15 12.09
C ILE A 152 -23.19 14.87 12.04
N TYR A 153 -23.17 14.20 10.89
CA TYR A 153 -22.43 12.94 10.63
C TYR A 153 -21.48 13.14 9.46
N VAL A 154 -20.23 12.71 9.63
CA VAL A 154 -19.21 12.76 8.56
C VAL A 154 -18.41 11.46 8.56
N GLY A 155 -17.83 11.18 7.40
CA GLY A 155 -16.73 10.21 7.27
C GLY A 155 -17.14 8.89 6.67
N ASN A 156 -16.13 8.06 6.49
CA ASN A 156 -16.25 6.67 5.99
C ASN A 156 -15.63 5.75 7.05
N PRO A 157 -16.43 5.05 7.87
CA PRO A 157 -17.89 5.17 7.88
C PRO A 157 -18.36 6.39 8.68
N ALA A 158 -19.64 6.76 8.58
CA ALA A 158 -20.14 8.02 9.19
C ALA A 158 -20.17 7.88 10.72
N LYS A 159 -19.78 8.95 11.40
CA LYS A 159 -19.82 9.13 12.88
C LYS A 159 -20.38 10.51 13.20
N LYS A 160 -21.10 10.62 14.31
CA LYS A 160 -21.61 11.91 14.85
C LYS A 160 -20.42 12.80 15.22
N ILE A 161 -20.44 14.08 14.80
CA ILE A 161 -19.38 15.06 15.16
C ILE A 161 -19.96 16.25 15.92
N GLY A 162 -21.28 16.37 16.02
CA GLY A 162 -21.88 17.52 16.72
C GLY A 162 -23.34 17.70 16.37
N THR A 163 -23.84 18.90 16.67
CA THR A 163 -25.26 19.30 16.65
C THR A 163 -25.42 20.36 15.57
N ASN A 164 -26.50 20.30 14.80
CA ASN A 164 -26.70 21.11 13.57
C ASN A 164 -27.31 22.46 13.94
N ASP A 165 -26.55 23.27 14.68
CA ASP A 165 -27.04 24.57 15.21
C ASP A 165 -27.36 25.50 14.03
N LYS A 166 -26.56 25.50 12.97
CA LYS A 166 -26.81 26.31 11.75
C LYS A 166 -28.23 25.97 11.23
N GLY A 167 -28.52 24.67 11.07
CA GLY A 167 -29.81 24.16 10.57
C GLY A 167 -30.97 24.54 11.48
N ILE A 168 -30.84 24.31 12.78
CA ILE A 168 -31.91 24.63 13.78
C ILE A 168 -32.22 26.12 13.67
N GLU A 169 -31.18 26.96 13.61
CA GLU A 169 -31.32 28.44 13.65
C GLU A 169 -32.08 28.90 12.39
N LYS A 170 -31.60 28.52 11.19
CA LYS A 170 -32.26 28.79 9.88
C LYS A 170 -33.74 28.43 9.95
N SER A 171 -34.07 27.21 10.42
CA SER A 171 -35.45 26.66 10.46
C SER A 171 -36.36 27.64 11.23
N GLY A 172 -35.85 28.21 12.33
CA GLY A 172 -36.64 29.06 13.25
C GLY A 172 -37.47 28.23 14.22
N ILE A 173 -37.16 26.95 14.35
CA ILE A 173 -37.85 25.97 15.25
C ILE A 173 -37.56 26.37 16.71
N ASP A 174 -38.60 26.46 17.53
CA ASP A 174 -38.47 26.84 18.97
C ASP A 174 -38.30 25.57 19.81
N GLU A 175 -38.15 25.74 21.12
CA GLU A 175 -37.77 24.67 22.09
C GLU A 175 -38.91 23.66 22.18
N ARG A 176 -40.14 24.11 21.98
CA ARG A 176 -41.37 23.27 22.06
C ARG A 176 -41.34 22.24 20.93
N ALA A 177 -41.07 22.71 19.71
CA ALA A 177 -40.97 21.88 18.48
C ALA A 177 -39.81 20.88 18.60
N MET A 178 -38.66 21.32 19.13
CA MET A 178 -37.48 20.43 19.31
C MET A 178 -37.79 19.32 20.33
N ALA A 179 -38.51 19.59 21.43
CA ALA A 179 -38.88 18.57 22.43
C ALA A 179 -39.82 17.52 21.83
N THR A 180 -40.79 17.92 21.01
CA THR A 180 -41.69 16.97 20.29
C THR A 180 -40.89 16.02 19.39
N ILE A 181 -39.94 16.55 18.61
CA ILE A 181 -39.06 15.72 17.71
C ILE A 181 -38.27 14.78 18.62
N GLN A 182 -37.60 15.34 19.63
CA GLN A 182 -36.76 14.56 20.57
C GLN A 182 -37.61 13.43 21.18
N GLU A 183 -38.89 13.68 21.50
CA GLU A 183 -39.76 12.64 22.14
C GLU A 183 -40.20 11.60 21.09
N GLU A 184 -40.47 12.03 19.86
CA GLU A 184 -40.74 11.13 18.70
C GLU A 184 -39.55 10.18 18.50
N PHE A 185 -38.32 10.65 18.68
CA PHE A 185 -37.12 9.79 18.51
C PHE A 185 -37.07 8.79 19.67
N ASN A 186 -37.21 9.29 20.90
CA ASN A 186 -37.11 8.47 22.15
C ASN A 186 -38.14 7.33 22.11
N ALA A 187 -39.26 7.46 21.38
CA ALA A 187 -40.31 6.41 21.22
C ALA A 187 -40.03 5.50 20.00
N ARG A 188 -39.32 6.00 18.99
CA ARG A 188 -39.09 5.28 17.72
C ARG A 188 -37.73 5.66 17.12
N MET B 4 -22.72 28.97 -32.25
CA MET B 4 -22.08 30.35 -32.13
CA MET B 4 -21.97 30.26 -32.07
C MET B 4 -21.15 30.63 -33.32
N ASN B 5 -21.07 29.70 -34.29
CA ASN B 5 -20.35 29.78 -35.61
C ASN B 5 -18.94 29.23 -35.51
N ASN B 6 -18.77 28.09 -34.86
CA ASN B 6 -17.42 27.50 -34.77
C ASN B 6 -17.60 25.99 -34.90
N ASN B 7 -16.49 25.29 -34.87
CA ASN B 7 -16.51 23.85 -35.15
C ASN B 7 -16.86 23.11 -33.86
N ALA B 8 -17.47 23.74 -32.83
CA ALA B 8 -17.80 22.96 -31.62
C ALA B 8 -18.74 21.84 -32.04
N GLN B 9 -18.52 20.65 -31.47
CA GLN B 9 -19.39 19.49 -31.71
C GLN B 9 -20.22 19.23 -30.45
N ILE B 10 -21.54 19.37 -30.59
CA ILE B 10 -22.50 19.27 -29.45
C ILE B 10 -23.46 18.12 -29.76
N HIS B 11 -23.49 17.10 -28.92
CA HIS B 11 -24.39 15.94 -29.15
C HIS B 11 -25.84 16.42 -29.06
N PRO B 12 -26.74 15.97 -29.93
CA PRO B 12 -28.11 16.47 -29.94
C PRO B 12 -28.91 16.22 -28.65
N SER B 13 -28.47 15.28 -27.80
CA SER B 13 -29.07 14.99 -26.47
C SER B 13 -28.52 15.92 -25.39
N ALA B 14 -27.47 16.69 -25.66
CA ALA B 14 -26.93 17.68 -24.70
C ALA B 14 -27.95 18.80 -24.54
N VAL B 15 -28.13 19.24 -23.30
CA VAL B 15 -29.12 20.29 -22.96
C VAL B 15 -28.31 21.52 -22.58
N ILE B 16 -28.30 22.49 -23.50
CA ILE B 16 -27.47 23.72 -23.36
C ILE B 16 -28.41 24.91 -23.23
N HIS B 17 -28.29 25.65 -22.14
CA HIS B 17 -29.12 26.83 -21.88
C HIS B 17 -28.78 27.91 -22.92
N GLU B 18 -29.77 28.68 -23.36
CA GLU B 18 -29.54 29.92 -24.16
C GLU B 18 -28.53 30.81 -23.42
N GLY B 19 -27.56 31.38 -24.14
CA GLY B 19 -26.59 32.35 -23.59
C GLY B 19 -25.25 31.69 -23.26
N VAL B 20 -25.19 30.36 -23.15
CA VAL B 20 -23.89 29.66 -22.96
C VAL B 20 -22.91 29.99 -24.10
N ILE B 21 -21.67 30.22 -23.70
CA ILE B 21 -20.56 30.61 -24.60
C ILE B 21 -19.67 29.38 -24.78
N ILE B 22 -19.64 28.86 -26.01
CA ILE B 22 -18.83 27.67 -26.34
C ILE B 22 -17.84 28.04 -27.43
N GLU B 23 -16.57 27.85 -27.17
CA GLU B 23 -15.49 28.28 -28.09
C GLU B 23 -15.18 27.16 -29.07
N ASP B 24 -14.19 27.36 -29.93
CA ASP B 24 -13.84 26.40 -31.01
C ASP B 24 -13.20 25.15 -30.41
N ASP B 25 -13.29 24.03 -31.13
CA ASP B 25 -12.60 22.76 -30.80
C ASP B 25 -13.16 22.20 -29.48
N VAL B 26 -14.37 22.63 -29.11
CA VAL B 26 -15.05 22.08 -27.90
C VAL B 26 -15.86 20.84 -28.30
N TYR B 27 -15.89 19.85 -27.43
CA TYR B 27 -16.75 18.65 -27.60
C TYR B 27 -17.68 18.59 -26.39
N ILE B 28 -18.99 18.59 -26.63
CA ILE B 28 -20.01 18.37 -25.57
CA ILE B 28 -19.99 18.35 -25.56
C ILE B 28 -20.73 17.04 -25.87
N GLY B 29 -20.58 16.07 -24.99
CA GLY B 29 -21.11 14.72 -25.25
C GLY B 29 -22.58 14.59 -24.88
N PRO B 30 -23.11 13.37 -25.05
CA PRO B 30 -24.51 13.11 -24.78
C PRO B 30 -24.96 13.52 -23.36
N ASN B 31 -26.15 14.09 -23.26
CA ASN B 31 -26.92 14.26 -22.01
C ASN B 31 -26.18 15.18 -21.02
N CYS B 32 -25.27 16.01 -21.51
CA CYS B 32 -24.69 17.10 -20.66
C CYS B 32 -25.82 18.09 -20.34
N ILE B 33 -25.73 18.75 -19.19
CA ILE B 33 -26.66 19.87 -18.86
C ILE B 33 -25.76 21.05 -18.55
N ILE B 34 -25.81 22.06 -19.40
CA ILE B 34 -24.87 23.21 -19.30
C ILE B 34 -25.66 24.49 -19.23
N GLY B 35 -25.42 25.29 -18.17
CA GLY B 35 -25.94 26.67 -18.07
C GLY B 35 -27.31 26.75 -17.45
N TYR B 36 -27.79 25.66 -16.85
CA TYR B 36 -29.08 25.69 -16.11
C TYR B 36 -28.84 26.38 -14.76
N PRO B 37 -29.91 26.82 -14.07
CA PRO B 37 -29.77 27.76 -12.95
C PRO B 37 -28.86 27.26 -11.83
N PRO B 38 -28.16 28.19 -11.17
CA PRO B 38 -27.28 27.83 -10.06
C PRO B 38 -28.12 27.15 -8.98
N GLU B 39 -27.57 26.14 -8.34
CA GLU B 39 -28.27 25.39 -7.26
C GLU B 39 -28.07 26.16 -5.96
N ASP B 40 -28.60 27.36 -5.92
CA ASP B 40 -28.49 28.33 -4.82
C ASP B 40 -29.93 28.79 -4.58
N LYS B 41 -30.52 28.43 -3.44
CA LYS B 41 -31.94 28.73 -3.13
C LYS B 41 -32.20 30.23 -3.22
N ALA B 42 -31.20 31.07 -3.01
CA ALA B 42 -31.32 32.56 -3.06
C ALA B 42 -31.50 33.05 -4.51
N VAL B 43 -31.32 32.18 -5.51
CA VAL B 43 -31.22 32.59 -6.95
C VAL B 43 -32.10 31.69 -7.81
N PHE B 44 -31.99 30.37 -7.64
CA PHE B 44 -32.77 29.37 -8.43
C PHE B 44 -34.21 29.82 -8.48
N PRO B 45 -34.95 29.72 -9.62
CA PRO B 45 -34.44 29.29 -10.92
C PRO B 45 -33.93 30.37 -11.88
N GLN B 46 -33.51 31.52 -11.35
CA GLN B 46 -33.02 32.65 -12.17
C GLN B 46 -31.61 32.31 -12.69
N THR B 47 -31.26 32.86 -13.86
CA THR B 47 -29.93 32.74 -14.53
C THR B 47 -29.43 34.16 -14.81
N PRO B 48 -28.98 34.91 -13.78
CA PRO B 48 -28.31 36.20 -13.99
C PRO B 48 -26.99 36.08 -14.77
N TYR B 49 -26.35 34.90 -14.70
CA TYR B 49 -25.06 34.61 -15.38
C TYR B 49 -25.21 33.32 -16.18
N THR B 50 -24.15 32.94 -16.88
CA THR B 50 -24.16 31.72 -17.71
C THR B 50 -22.87 30.92 -17.47
N VAL B 51 -22.49 30.16 -18.49
CA VAL B 51 -21.28 29.30 -18.50
C VAL B 51 -20.51 29.68 -19.75
N HIS B 52 -19.20 29.64 -19.62
CA HIS B 52 -18.21 29.92 -20.69
C HIS B 52 -17.26 28.75 -20.74
N ILE B 53 -17.26 28.02 -21.84
CA ILE B 53 -16.34 26.88 -22.06
C ILE B 53 -15.32 27.25 -23.12
N CYS B 54 -14.04 27.22 -22.75
CA CYS B 54 -12.96 27.74 -23.62
C CYS B 54 -12.45 26.66 -24.59
N SER B 55 -11.72 27.10 -25.60
CA SER B 55 -11.34 26.28 -26.75
C SER B 55 -10.57 25.00 -26.36
N GLY B 56 -10.88 23.90 -27.05
CA GLY B 56 -10.16 22.64 -26.91
C GLY B 56 -10.71 21.77 -25.80
N THR B 57 -11.66 22.25 -25.01
CA THR B 57 -12.20 21.49 -23.85
C THR B 57 -13.10 20.36 -24.36
N LYS B 58 -12.90 19.16 -23.81
CA LYS B 58 -13.75 17.99 -24.14
C LYS B 58 -14.57 17.66 -22.90
N ILE B 59 -15.90 17.62 -23.07
CA ILE B 59 -16.85 17.25 -21.99
C ILE B 59 -17.59 16.01 -22.49
N THR B 60 -17.32 14.86 -21.91
CA THR B 60 -17.50 13.59 -22.68
C THR B 60 -18.95 13.05 -22.59
N GLY B 61 -19.70 13.34 -21.52
CA GLY B 61 -21.11 12.91 -21.43
C GLY B 61 -21.67 12.98 -20.02
N ASN B 62 -22.95 13.32 -19.88
CA ASN B 62 -23.61 13.29 -18.55
C ASN B 62 -22.94 14.28 -17.60
N VAL B 63 -22.27 15.32 -18.10
CA VAL B 63 -21.57 16.31 -17.23
C VAL B 63 -22.55 17.47 -16.98
N THR B 64 -22.60 17.97 -15.75
CA THR B 64 -23.46 19.12 -15.44
C THR B 64 -22.55 20.28 -15.07
N ILE B 65 -22.81 21.44 -15.67
CA ILE B 65 -22.05 22.68 -15.37
C ILE B 65 -23.10 23.78 -15.23
N ASP B 66 -23.31 24.24 -14.01
CA ASP B 66 -24.37 25.23 -13.72
C ASP B 66 -23.85 26.65 -14.00
N ALA B 67 -24.79 27.51 -14.37
CA ALA B 67 -24.64 28.96 -14.56
C ALA B 67 -24.24 29.60 -13.22
N GLY B 68 -23.58 30.76 -13.28
CA GLY B 68 -23.06 31.44 -12.07
C GLY B 68 -24.12 32.22 -11.30
N THR B 69 -23.77 32.69 -10.09
CA THR B 69 -24.57 33.64 -9.26
C THR B 69 -23.98 35.05 -9.36
N ILE B 70 -22.65 35.20 -9.44
CA ILE B 70 -21.96 36.53 -9.37
C ILE B 70 -20.98 36.70 -10.54
N LYS B 71 -20.85 35.67 -11.39
CA LYS B 71 -19.93 35.65 -12.53
C LYS B 71 -20.32 34.44 -13.40
N ASN B 72 -19.88 34.40 -14.65
CA ASN B 72 -20.01 33.19 -15.50
C ASN B 72 -19.18 32.06 -14.89
N THR B 73 -19.79 30.88 -14.75
CA THR B 73 -19.01 29.67 -14.50
C THR B 73 -18.09 29.48 -15.70
N TYR B 74 -16.84 29.13 -15.45
CA TYR B 74 -15.74 29.32 -16.42
C TYR B 74 -14.87 28.08 -16.47
N ILE B 75 -14.78 27.50 -17.65
CA ILE B 75 -13.92 26.33 -17.94
C ILE B 75 -12.85 26.76 -18.94
N GLY B 76 -11.58 26.55 -18.59
CA GLY B 76 -10.42 27.03 -19.37
C GLY B 76 -10.14 26.18 -20.58
N ASN B 77 -9.03 26.46 -21.26
CA ASN B 77 -8.65 25.83 -22.54
C ASN B 77 -8.17 24.41 -22.27
N ASP B 78 -8.49 23.45 -23.15
CA ASP B 78 -7.83 22.13 -23.21
C ASP B 78 -8.10 21.34 -21.93
N CYS B 79 -9.27 21.52 -21.35
CA CYS B 79 -9.73 20.70 -20.19
C CYS B 79 -10.35 19.41 -20.70
N PHE B 80 -10.43 18.41 -19.81
CA PHE B 80 -11.08 17.12 -20.10
C PHE B 80 -11.98 16.78 -18.92
N LEU B 81 -13.30 16.78 -19.14
CA LEU B 81 -14.28 16.47 -18.08
C LEU B 81 -14.96 15.17 -18.45
N MET B 82 -14.86 14.16 -17.59
CA MET B 82 -15.36 12.79 -17.86
C MET B 82 -16.76 12.56 -17.26
N LYS B 83 -17.36 11.40 -17.57
CA LYS B 83 -18.79 11.12 -17.37
C LYS B 83 -19.23 11.48 -15.95
N GLY B 84 -20.30 12.26 -15.85
CA GLY B 84 -21.00 12.42 -14.56
C GLY B 84 -20.37 13.48 -13.68
N ALA B 85 -19.27 14.13 -14.12
CA ALA B 85 -18.65 15.26 -13.37
C ALA B 85 -19.72 16.31 -13.09
N TYR B 86 -19.62 16.95 -11.93
CA TYR B 86 -20.51 18.02 -11.48
C TYR B 86 -19.71 19.30 -11.20
N VAL B 87 -20.05 20.36 -11.89
CA VAL B 87 -19.41 21.69 -11.69
C VAL B 87 -20.49 22.67 -11.25
N ALA B 88 -20.40 23.14 -10.00
CA ALA B 88 -21.39 24.05 -9.43
C ALA B 88 -21.18 25.49 -9.95
N HIS B 89 -22.16 26.34 -9.67
CA HIS B 89 -22.16 27.80 -9.95
C HIS B 89 -20.82 28.43 -9.54
N ASP B 90 -20.33 29.31 -10.40
CA ASP B 90 -19.24 30.26 -10.09
C ASP B 90 -17.92 29.52 -9.98
N VAL B 91 -17.88 28.23 -10.30
CA VAL B 91 -16.59 27.52 -10.40
C VAL B 91 -15.74 28.17 -11.52
N VAL B 92 -14.44 28.23 -11.28
CA VAL B 92 -13.46 28.69 -12.31
C VAL B 92 -12.41 27.59 -12.43
N ILE B 93 -12.31 27.00 -13.61
CA ILE B 93 -11.30 25.96 -13.91
C ILE B 93 -10.29 26.58 -14.88
N GLY B 94 -9.02 26.46 -14.55
CA GLY B 94 -7.93 26.93 -15.41
C GLY B 94 -7.68 25.97 -16.57
N ASN B 95 -6.57 26.15 -17.26
CA ASN B 95 -6.23 25.40 -18.50
C ASN B 95 -5.67 24.04 -18.12
N ASN B 96 -5.89 23.05 -18.99
CA ASN B 96 -5.23 21.72 -18.94
C ASN B 96 -5.61 21.00 -17.63
N VAL B 97 -6.84 21.19 -17.14
CA VAL B 97 -7.38 20.46 -15.97
C VAL B 97 -8.11 19.19 -16.44
N THR B 98 -7.96 18.10 -15.69
CA THR B 98 -8.66 16.82 -15.88
C THR B 98 -9.60 16.60 -14.69
N LEU B 99 -10.89 16.47 -14.97
CA LEU B 99 -11.87 15.94 -13.99
C LEU B 99 -12.28 14.53 -14.42
N SER B 100 -11.93 13.52 -13.62
CA SER B 100 -12.36 12.13 -13.83
C SER B 100 -13.85 12.01 -13.60
N SER B 101 -14.38 10.81 -13.80
CA SER B 101 -15.82 10.53 -13.69
C SER B 101 -16.30 10.93 -12.30
N HIS B 102 -17.47 11.58 -12.24
CA HIS B 102 -18.23 11.83 -10.98
C HIS B 102 -17.43 12.74 -10.04
N VAL B 103 -16.41 13.45 -10.51
CA VAL B 103 -15.77 14.54 -9.71
C VAL B 103 -16.85 15.58 -9.39
N MET B 104 -16.89 16.06 -8.14
CA MET B 104 -17.86 17.08 -7.70
C MET B 104 -17.11 18.33 -7.20
N LEU B 105 -17.31 19.44 -7.88
CA LEU B 105 -16.75 20.78 -7.49
C LEU B 105 -17.88 21.64 -6.93
N GLY B 106 -17.87 21.92 -5.63
CA GLY B 106 -18.86 22.82 -5.01
C GLY B 106 -18.77 24.26 -5.50
N GLY B 107 -19.76 25.05 -5.14
CA GLY B 107 -19.91 26.46 -5.54
C GLY B 107 -18.61 27.23 -5.33
N HIS B 108 -18.24 28.06 -6.30
CA HIS B 108 -17.10 29.03 -6.19
C HIS B 108 -15.74 28.33 -6.12
N VAL B 109 -15.65 27.01 -6.28
CA VAL B 109 -14.36 26.30 -6.27
C VAL B 109 -13.49 26.82 -7.43
N GLU B 110 -12.21 27.00 -7.16
CA GLU B 110 -11.24 27.34 -8.23
CA GLU B 110 -11.19 27.37 -8.18
C GLU B 110 -10.27 26.16 -8.38
N VAL B 111 -10.02 25.78 -9.63
CA VAL B 111 -9.10 24.68 -9.95
C VAL B 111 -8.05 25.28 -10.89
N MET B 112 -6.79 25.25 -10.48
CA MET B 112 -5.70 25.94 -11.21
C MET B 112 -5.08 25.00 -12.27
N GLU B 113 -4.27 25.61 -13.13
CA GLU B 113 -3.53 25.00 -14.27
C GLU B 113 -3.05 23.59 -13.95
N GLY B 114 -3.39 22.64 -14.81
CA GLY B 114 -2.81 21.28 -14.79
C GLY B 114 -3.30 20.37 -13.67
N ALA B 115 -4.19 20.82 -12.78
CA ALA B 115 -4.76 19.96 -11.71
C ALA B 115 -5.40 18.70 -12.33
N ASN B 116 -5.25 17.55 -11.65
CA ASN B 116 -5.81 16.24 -12.02
C ASN B 116 -6.67 15.72 -10.86
N LEU B 117 -7.98 15.62 -11.07
CA LEU B 117 -8.91 15.19 -10.01
C LEU B 117 -9.44 13.79 -10.35
N GLY B 118 -9.17 12.83 -9.48
CA GLY B 118 -9.47 11.41 -9.68
C GLY B 118 -10.94 11.10 -9.47
N MET B 119 -11.35 9.92 -9.89
CA MET B 119 -12.77 9.52 -9.94
C MET B 119 -13.45 9.83 -8.61
N GLY B 120 -14.58 10.53 -8.65
CA GLY B 120 -15.48 10.58 -7.47
C GLY B 120 -14.93 11.42 -6.31
N CYS B 121 -13.88 12.21 -6.50
CA CYS B 121 -13.45 13.15 -5.45
C CYS B 121 -14.45 14.31 -5.36
N ILE B 122 -14.53 14.90 -4.19
CA ILE B 122 -15.55 15.90 -3.80
C ILE B 122 -14.84 17.09 -3.17
N ILE B 123 -15.01 18.27 -3.72
CA ILE B 123 -14.32 19.53 -3.29
C ILE B 123 -15.35 20.46 -2.67
N HIS B 124 -15.19 20.76 -1.37
CA HIS B 124 -16.07 21.69 -0.63
C HIS B 124 -16.15 23.02 -1.40
N GLN B 125 -17.32 23.65 -1.37
CA GLN B 125 -17.57 25.04 -1.85
C GLN B 125 -16.43 25.95 -1.36
N ARG B 126 -15.98 26.84 -2.23
CA ARG B 126 -15.03 27.97 -1.99
C ARG B 126 -13.61 27.45 -1.78
N GLN B 127 -13.34 26.16 -2.01
CA GLN B 127 -11.96 25.65 -1.96
C GLN B 127 -11.17 26.10 -3.20
N LYS B 128 -9.87 25.91 -3.13
CA LYS B 128 -8.92 26.22 -4.22
C LYS B 128 -7.98 25.04 -4.37
N ILE B 129 -7.99 24.43 -5.55
CA ILE B 129 -7.08 23.30 -5.89
C ILE B 129 -5.96 23.93 -6.69
N TRP B 130 -4.72 23.88 -6.20
CA TRP B 130 -3.58 24.67 -6.76
C TRP B 130 -2.96 23.91 -7.94
N HIS B 131 -2.00 24.56 -8.62
CA HIS B 131 -1.40 24.12 -9.90
C HIS B 131 -0.83 22.71 -9.78
N TYR B 132 -1.13 21.84 -10.73
CA TYR B 132 -0.57 20.48 -10.88
C TYR B 132 -0.82 19.64 -9.63
N CYS B 133 -1.85 19.97 -8.84
CA CYS B 133 -2.31 19.08 -7.74
C CYS B 133 -2.85 17.78 -8.33
N MET B 134 -2.72 16.70 -7.59
CA MET B 134 -3.39 15.40 -7.85
C MET B 134 -4.35 15.17 -6.69
N ILE B 135 -5.66 15.15 -6.96
CA ILE B 135 -6.66 14.74 -5.93
C ILE B 135 -7.04 13.28 -6.22
N GLY B 136 -6.79 12.38 -5.28
CA GLY B 136 -7.04 10.95 -5.49
C GLY B 136 -8.51 10.58 -5.56
N MET B 137 -8.79 9.44 -6.18
CA MET B 137 -10.18 8.93 -6.29
C MET B 137 -10.79 8.92 -4.88
N GLY B 138 -12.02 9.46 -4.79
CA GLY B 138 -12.88 9.40 -3.61
C GLY B 138 -12.41 10.28 -2.47
N ALA B 139 -11.39 11.10 -2.68
CA ALA B 139 -10.87 12.05 -1.67
C ALA B 139 -11.94 13.07 -1.37
N ILE B 140 -12.09 13.37 -0.08
CA ILE B 140 -13.05 14.40 0.41
C ILE B 140 -12.25 15.63 0.87
N VAL B 141 -12.24 16.69 0.08
CA VAL B 141 -11.51 17.95 0.41
C VAL B 141 -12.44 18.85 1.22
N THR B 142 -12.23 18.91 2.53
CA THR B 142 -13.05 19.69 3.48
C THR B 142 -12.61 21.16 3.46
N LYS B 143 -13.35 22.02 4.17
CA LYS B 143 -13.23 23.50 4.03
C LYS B 143 -11.88 23.96 4.59
N LYS B 144 -11.29 23.25 5.57
CA LYS B 144 -10.12 23.74 6.35
C LYS B 144 -8.81 23.35 5.66
N LEU B 145 -8.80 22.30 4.84
CA LEU B 145 -7.56 21.75 4.23
C LEU B 145 -6.84 22.85 3.44
N VAL B 146 -5.55 23.04 3.67
CA VAL B 146 -4.79 24.09 2.93
C VAL B 146 -4.02 23.35 1.83
N ILE B 147 -4.57 23.40 0.62
CA ILE B 147 -4.02 22.72 -0.57
C ILE B 147 -2.76 23.48 -0.98
N GLU B 148 -1.68 22.77 -1.31
CA GLU B 148 -0.44 23.40 -1.82
C GLU B 148 -0.25 23.01 -3.28
N PRO B 149 0.35 23.89 -4.11
CA PRO B 149 0.76 23.49 -5.45
C PRO B 149 1.56 22.20 -5.48
N PHE B 150 1.37 21.40 -6.55
CA PHE B 150 2.19 20.24 -6.96
C PHE B 150 2.02 19.05 -6.02
N SER B 151 0.99 19.08 -5.16
CA SER B 151 0.84 18.12 -4.04
C SER B 151 -0.26 17.10 -4.32
N ILE B 152 -0.15 15.90 -3.73
CA ILE B 152 -1.11 14.77 -3.86
C ILE B 152 -1.96 14.71 -2.58
N TYR B 153 -3.29 14.66 -2.71
CA TYR B 153 -4.22 14.54 -1.56
C TYR B 153 -5.04 13.28 -1.77
N VAL B 154 -5.17 12.46 -0.74
CA VAL B 154 -6.06 11.27 -0.75
C VAL B 154 -6.79 11.19 0.60
N GLY B 155 -7.95 10.55 0.58
CA GLY B 155 -8.60 10.05 1.79
C GLY B 155 -9.87 10.80 2.11
N ASN B 156 -10.56 10.27 3.13
CA ASN B 156 -11.78 10.84 3.77
C ASN B 156 -11.47 11.06 5.25
N PRO B 157 -11.13 12.29 5.72
CA PRO B 157 -11.02 13.49 4.88
C PRO B 157 -9.68 13.51 4.14
N ALA B 158 -9.51 14.42 3.17
CA ALA B 158 -8.30 14.45 2.33
C ALA B 158 -7.11 14.96 3.16
N LYS B 159 -5.96 14.33 2.97
CA LYS B 159 -4.68 14.72 3.59
C LYS B 159 -3.57 14.66 2.53
N LYS B 160 -2.60 15.55 2.61
CA LYS B 160 -1.39 15.53 1.74
C LYS B 160 -0.64 14.21 1.96
N ILE B 161 -0.20 13.56 0.90
CA ILE B 161 0.63 12.32 1.01
C ILE B 161 1.92 12.49 0.20
N GLY B 162 2.01 13.47 -0.68
CA GLY B 162 3.25 13.68 -1.46
C GLY B 162 3.20 14.88 -2.38
N THR B 163 4.24 15.04 -3.22
CA THR B 163 4.31 16.01 -4.35
C THR B 163 4.11 15.21 -5.64
N ASN B 164 3.59 15.83 -6.71
CA ASN B 164 3.06 15.14 -7.92
C ASN B 164 4.14 15.15 -9.01
N ASP B 165 4.54 13.96 -9.49
CA ASP B 165 5.58 13.71 -10.52
C ASP B 165 5.82 14.99 -11.33
N GLY B 172 6.32 18.95 -17.94
CA GLY B 172 7.75 19.30 -17.87
C GLY B 172 7.98 20.80 -17.75
N ILE B 173 7.31 21.45 -16.80
CA ILE B 173 7.56 22.86 -16.38
C ILE B 173 9.00 22.96 -15.86
N ASP B 174 9.53 24.18 -15.74
CA ASP B 174 10.92 24.45 -15.30
C ASP B 174 10.89 25.13 -13.93
N GLU B 175 12.05 25.23 -13.25
CA GLU B 175 12.18 25.73 -11.84
C GLU B 175 11.74 27.21 -11.77
N ARG B 176 11.95 27.98 -12.84
CA ARG B 176 11.57 29.43 -12.89
C ARG B 176 10.04 29.56 -12.90
N ALA B 177 9.35 28.69 -13.66
CA ALA B 177 7.87 28.61 -13.75
C ALA B 177 7.28 28.15 -12.41
N MET B 178 7.89 27.15 -11.75
CA MET B 178 7.46 26.59 -10.44
C MET B 178 7.59 27.68 -9.35
N ALA B 179 8.68 28.46 -9.38
CA ALA B 179 8.95 29.57 -8.43
C ALA B 179 7.88 30.66 -8.54
N THR B 180 7.41 30.98 -9.75
CA THR B 180 6.35 32.00 -10.03
C THR B 180 5.01 31.53 -9.44
N ILE B 181 4.72 30.23 -9.56
CA ILE B 181 3.50 29.57 -8.98
C ILE B 181 3.60 29.65 -7.45
N GLN B 182 4.71 29.14 -6.89
CA GLN B 182 5.06 29.17 -5.43
C GLN B 182 4.89 30.59 -4.88
N GLU B 183 5.27 31.60 -5.67
CA GLU B 183 5.14 33.05 -5.34
C GLU B 183 3.65 33.43 -5.18
N GLU B 184 2.82 33.12 -6.19
CA GLU B 184 1.34 33.35 -6.14
C GLU B 184 0.78 32.73 -4.87
N PHE B 185 1.22 31.52 -4.52
CA PHE B 185 0.68 30.70 -3.40
C PHE B 185 1.06 31.33 -2.06
N ASN B 186 2.30 31.79 -1.92
CA ASN B 186 2.83 32.34 -0.64
C ASN B 186 2.16 33.70 -0.35
N ALA B 187 1.62 34.37 -1.37
CA ALA B 187 0.79 35.60 -1.23
C ALA B 187 -0.70 35.26 -1.15
N ARG B 188 -1.06 33.99 -1.28
CA ARG B 188 -2.44 33.46 -1.19
C ARG B 188 -2.44 31.93 -1.30
N ASN C 7 -35.17 -10.07 -27.87
CA ASN C 7 -34.89 -8.86 -28.72
C ASN C 7 -34.85 -7.62 -27.82
N ALA C 8 -33.81 -6.78 -27.96
CA ALA C 8 -33.42 -5.81 -26.90
C ALA C 8 -34.50 -4.75 -26.76
N GLN C 9 -34.82 -4.38 -25.52
CA GLN C 9 -35.72 -3.26 -25.18
C GLN C 9 -34.82 -2.04 -24.90
N ILE C 10 -34.67 -1.16 -25.88
CA ILE C 10 -33.75 0.00 -25.81
C ILE C 10 -34.61 1.26 -25.68
N HIS C 11 -34.51 1.97 -24.57
CA HIS C 11 -35.33 3.17 -24.36
C HIS C 11 -34.97 4.16 -25.47
N PRO C 12 -35.95 4.90 -26.04
CA PRO C 12 -35.66 5.89 -27.09
C PRO C 12 -34.63 6.97 -26.71
N SER C 13 -34.45 7.28 -25.43
CA SER C 13 -33.53 8.33 -24.93
C SER C 13 -32.14 7.76 -24.71
N ALA C 14 -31.97 6.44 -24.82
CA ALA C 14 -30.63 5.82 -24.68
C ALA C 14 -29.83 6.25 -25.91
N VAL C 15 -28.56 6.53 -25.70
CA VAL C 15 -27.64 7.00 -26.75
C VAL C 15 -26.65 5.87 -27.00
N ILE C 16 -26.81 5.17 -28.14
CA ILE C 16 -26.02 3.96 -28.46
C ILE C 16 -25.19 4.28 -29.70
N HIS C 17 -23.88 4.18 -29.56
CA HIS C 17 -22.92 4.46 -30.63
C HIS C 17 -23.05 3.39 -31.72
N GLU C 18 -22.82 3.79 -32.96
CA GLU C 18 -22.72 2.85 -34.11
C GLU C 18 -21.72 1.75 -33.77
N GLY C 19 -22.05 0.50 -34.10
CA GLY C 19 -21.11 -0.61 -33.91
C GLY C 19 -21.30 -1.36 -32.59
N VAL C 20 -22.00 -0.80 -31.60
CA VAL C 20 -22.23 -1.51 -30.30
C VAL C 20 -22.98 -2.81 -30.56
N ILE C 21 -22.55 -3.88 -29.89
CA ILE C 21 -23.23 -5.21 -29.94
C ILE C 21 -24.16 -5.34 -28.74
N ILE C 22 -25.47 -5.33 -28.97
CA ILE C 22 -26.47 -5.60 -27.90
C ILE C 22 -27.18 -6.91 -28.22
N GLU C 23 -27.01 -7.93 -27.39
CA GLU C 23 -27.63 -9.25 -27.60
C GLU C 23 -29.12 -9.19 -27.30
N ASP C 24 -29.83 -10.26 -27.63
CA ASP C 24 -31.28 -10.36 -27.36
C ASP C 24 -31.47 -10.33 -25.84
N ASP C 25 -32.66 -9.95 -25.38
CA ASP C 25 -33.07 -10.02 -23.96
C ASP C 25 -32.15 -9.15 -23.10
N VAL C 26 -31.78 -7.99 -23.65
CA VAL C 26 -31.01 -6.94 -22.94
C VAL C 26 -31.96 -5.76 -22.75
N TYR C 27 -32.01 -5.22 -21.54
CA TYR C 27 -32.75 -3.97 -21.23
C TYR C 27 -31.76 -2.82 -21.15
N ILE C 28 -32.01 -1.76 -21.92
CA ILE C 28 -31.22 -0.50 -21.84
C ILE C 28 -32.20 0.63 -21.53
N GLY C 29 -32.03 1.24 -20.36
CA GLY C 29 -32.96 2.24 -19.83
C GLY C 29 -32.62 3.63 -20.34
N PRO C 30 -33.43 4.59 -19.87
CA PRO C 30 -33.32 5.97 -20.32
C PRO C 30 -31.91 6.55 -20.15
N ASN C 31 -31.49 7.31 -21.17
CA ASN C 31 -30.31 8.19 -21.10
C ASN C 31 -29.01 7.41 -20.86
N CYS C 32 -28.96 6.11 -21.12
CA CYS C 32 -27.65 5.42 -21.06
C CYS C 32 -26.78 5.97 -22.20
N ILE C 33 -25.45 5.93 -22.04
CA ILE C 33 -24.49 6.35 -23.09
C ILE C 33 -23.57 5.16 -23.30
N ILE C 34 -23.71 4.48 -24.42
CA ILE C 34 -23.05 3.18 -24.68
CA ILE C 34 -22.99 3.21 -24.65
C ILE C 34 -22.19 3.27 -25.95
N GLY C 35 -20.91 2.98 -25.84
CA GLY C 35 -20.00 2.86 -26.98
C GLY C 35 -19.40 4.17 -27.40
N TYR C 36 -19.50 5.23 -26.58
CA TYR C 36 -18.88 6.53 -26.93
C TYR C 36 -17.39 6.41 -26.62
N PRO C 37 -16.56 7.32 -27.14
CA PRO C 37 -15.12 7.08 -27.13
C PRO C 37 -14.50 6.85 -25.76
N PRO C 38 -13.44 6.03 -25.71
CA PRO C 38 -12.70 5.82 -24.48
C PRO C 38 -12.16 7.16 -23.97
N GLU C 39 -12.15 7.34 -22.66
CA GLU C 39 -11.76 8.62 -22.01
C GLU C 39 -10.25 8.54 -21.76
N ASP C 40 -9.52 8.30 -22.85
CA ASP C 40 -8.05 8.13 -22.91
C ASP C 40 -7.59 9.19 -23.88
N LYS C 41 -6.82 10.19 -23.41
CA LYS C 41 -6.43 11.39 -24.19
C LYS C 41 -5.60 11.00 -25.42
N ALA C 42 -4.95 9.83 -25.42
CA ALA C 42 -4.19 9.32 -26.58
C ALA C 42 -5.14 8.84 -27.69
N VAL C 43 -6.42 8.55 -27.36
CA VAL C 43 -7.36 7.83 -28.27
C VAL C 43 -8.59 8.70 -28.59
N PHE C 44 -9.21 9.32 -27.59
CA PHE C 44 -10.39 10.20 -27.75
C PHE C 44 -10.17 11.18 -28.90
N PRO C 45 -11.14 11.40 -29.83
CA PRO C 45 -12.45 10.75 -29.84
C PRO C 45 -12.61 9.53 -30.77
N GLN C 46 -11.52 8.82 -31.03
CA GLN C 46 -11.52 7.61 -31.88
C GLN C 46 -12.19 6.49 -31.08
N THR C 47 -12.86 5.57 -31.77
CA THR C 47 -13.43 4.32 -31.20
C THR C 47 -12.81 3.14 -31.94
N PRO C 48 -11.60 2.72 -31.55
CA PRO C 48 -10.93 1.59 -32.17
C PRO C 48 -11.72 0.30 -31.96
N TYR C 49 -12.37 0.16 -30.79
CA TYR C 49 -13.21 -1.01 -30.41
C TYR C 49 -14.57 -0.47 -29.99
N THR C 50 -15.46 -1.34 -29.53
CA THR C 50 -16.83 -0.91 -29.19
C THR C 50 -17.18 -1.51 -27.82
N VAL C 51 -18.45 -1.78 -27.63
CA VAL C 51 -19.00 -2.45 -26.42
C VAL C 51 -19.79 -3.68 -26.86
N HIS C 52 -19.72 -4.75 -26.07
CA HIS C 52 -20.54 -5.98 -26.25
C HIS C 52 -21.32 -6.25 -24.96
N ILE C 53 -22.65 -6.17 -25.02
CA ILE C 53 -23.53 -6.48 -23.85
C ILE C 53 -24.28 -7.77 -24.14
N CYS C 54 -24.14 -8.75 -23.24
CA CYS C 54 -24.69 -10.11 -23.48
C CYS C 54 -26.08 -10.27 -22.87
N SER C 55 -26.79 -11.29 -23.34
CA SER C 55 -28.22 -11.54 -23.07
C SER C 55 -28.50 -11.60 -21.56
N GLY C 56 -29.68 -11.11 -21.19
CA GLY C 56 -30.21 -11.15 -19.82
C GLY C 56 -29.76 -9.96 -19.01
N THR C 57 -28.84 -9.15 -19.52
CA THR C 57 -28.30 -7.98 -18.79
C THR C 57 -29.35 -6.86 -18.79
N LYS C 58 -29.46 -6.19 -17.65
CA LYS C 58 -30.39 -5.06 -17.44
CA LYS C 58 -30.37 -5.04 -17.49
C LYS C 58 -29.54 -3.85 -17.05
N ILE C 59 -29.59 -2.81 -17.85
CA ILE C 59 -28.87 -1.53 -17.63
C ILE C 59 -29.94 -0.45 -17.42
N THR C 60 -30.13 -0.01 -16.19
CA THR C 60 -31.44 0.57 -15.79
C THR C 60 -31.61 2.01 -16.24
N GLY C 61 -30.54 2.80 -16.33
CA GLY C 61 -30.68 4.22 -16.70
C GLY C 61 -29.46 5.03 -16.36
N ASN C 62 -29.13 5.99 -17.22
CA ASN C 62 -28.02 6.92 -16.98
CA ASN C 62 -28.02 6.93 -16.99
C ASN C 62 -26.71 6.16 -16.78
N VAL C 63 -26.62 4.94 -17.29
CA VAL C 63 -25.33 4.18 -17.18
C VAL C 63 -24.47 4.55 -18.38
N THR C 64 -23.17 4.71 -18.15
CA THR C 64 -22.19 4.97 -19.23
C THR C 64 -21.25 3.76 -19.35
N ILE C 65 -21.08 3.28 -20.58
CA ILE C 65 -20.17 2.15 -20.87
C ILE C 65 -19.39 2.55 -22.11
N ASP C 66 -18.11 2.86 -21.94
CA ASP C 66 -17.28 3.41 -23.03
C ASP C 66 -16.76 2.30 -23.93
N ALA C 67 -16.55 2.63 -25.19
CA ALA C 67 -15.83 1.78 -26.17
C ALA C 67 -14.41 1.49 -25.71
N GLY C 68 -13.85 0.35 -26.13
CA GLY C 68 -12.52 -0.07 -25.70
C GLY C 68 -11.42 0.57 -26.51
N THR C 69 -10.19 0.48 -26.01
CA THR C 69 -8.95 0.91 -26.70
C THR C 69 -8.25 -0.27 -27.36
N ILE C 70 -8.25 -1.46 -26.75
CA ILE C 70 -7.48 -2.65 -27.23
C ILE C 70 -8.38 -3.87 -27.38
N LYS C 71 -9.66 -3.77 -26.97
CA LYS C 71 -10.64 -4.88 -27.02
C LYS C 71 -12.02 -4.26 -26.85
N ASN C 72 -13.05 -5.01 -27.18
CA ASN C 72 -14.43 -4.55 -26.87
C ASN C 72 -14.62 -4.56 -25.35
N THR C 73 -15.13 -3.45 -24.82
CA THR C 73 -15.66 -3.41 -23.44
C THR C 73 -16.79 -4.45 -23.37
N TYR C 74 -16.78 -5.31 -22.35
CA TYR C 74 -17.61 -6.54 -22.35
C TYR C 74 -18.42 -6.62 -21.05
N ILE C 75 -19.72 -6.78 -21.19
CA ILE C 75 -20.67 -7.10 -20.10
C ILE C 75 -21.28 -8.49 -20.33
N GLY C 76 -21.08 -9.39 -19.38
CA GLY C 76 -21.53 -10.78 -19.47
C GLY C 76 -23.03 -10.96 -19.30
N ASN C 77 -23.47 -12.21 -19.19
CA ASN C 77 -24.91 -12.55 -19.09
C ASN C 77 -25.47 -12.15 -17.72
N ASP C 78 -26.75 -11.74 -17.68
CA ASP C 78 -27.56 -11.68 -16.44
C ASP C 78 -26.93 -10.69 -15.46
N CYS C 79 -26.28 -9.65 -15.98
CA CYS C 79 -25.74 -8.57 -15.13
C CYS C 79 -26.81 -7.54 -14.84
N PHE C 80 -26.60 -6.75 -13.81
CA PHE C 80 -27.60 -5.74 -13.36
C PHE C 80 -26.84 -4.46 -13.02
N LEU C 81 -26.99 -3.42 -13.85
CA LEU C 81 -26.23 -2.16 -13.71
C LEU C 81 -27.24 -1.06 -13.38
N MET C 82 -27.04 -0.39 -12.27
CA MET C 82 -28.03 0.56 -11.71
C MET C 82 -27.64 2.01 -11.99
N LYS C 83 -28.50 2.96 -11.61
CA LYS C 83 -28.42 4.33 -12.17
C LYS C 83 -27.03 4.93 -11.99
N GLY C 84 -26.49 5.52 -13.07
CA GLY C 84 -25.30 6.38 -13.00
C GLY C 84 -24.01 5.59 -12.90
N ALA C 85 -24.04 4.26 -12.95
CA ALA C 85 -22.82 3.45 -13.01
C ALA C 85 -21.96 3.91 -14.21
N TYR C 86 -20.64 3.85 -14.01
CA TYR C 86 -19.59 4.27 -14.95
C TYR C 86 -18.71 3.05 -15.22
N VAL C 87 -18.68 2.62 -16.48
CA VAL C 87 -17.84 1.50 -16.94
C VAL C 87 -16.86 2.04 -17.98
N ALA C 88 -15.58 2.12 -17.63
CA ALA C 88 -14.54 2.73 -18.48
C ALA C 88 -14.20 1.79 -19.64
N HIS C 89 -13.40 2.30 -20.59
CA HIS C 89 -12.83 1.52 -21.71
C HIS C 89 -12.19 0.21 -21.24
N ASP C 90 -12.44 -0.86 -21.97
CA ASP C 90 -11.71 -2.16 -21.85
C ASP C 90 -12.08 -2.94 -20.59
N VAL C 91 -13.06 -2.49 -19.83
CA VAL C 91 -13.59 -3.27 -18.69
C VAL C 91 -14.17 -4.60 -19.22
N VAL C 92 -13.96 -5.65 -18.47
CA VAL C 92 -14.59 -6.96 -18.76
C VAL C 92 -15.37 -7.37 -17.53
N ILE C 93 -16.69 -7.43 -17.67
CA ILE C 93 -17.58 -7.88 -16.57
C ILE C 93 -18.08 -9.29 -16.89
N GLY C 94 -17.93 -10.22 -15.95
CA GLY C 94 -18.44 -11.59 -16.05
C GLY C 94 -19.94 -11.69 -15.84
N ASN C 95 -20.44 -12.92 -15.70
CA ASN C 95 -21.89 -13.20 -15.58
C ASN C 95 -22.37 -12.88 -14.16
N ASN C 96 -23.63 -12.48 -14.04
CA ASN C 96 -24.35 -12.35 -12.74
C ASN C 96 -23.66 -11.31 -11.83
N VAL C 97 -23.11 -10.26 -12.43
CA VAL C 97 -22.48 -9.14 -11.68
C VAL C 97 -23.54 -8.06 -11.45
N THR C 98 -23.54 -7.51 -10.25
CA THR C 98 -24.38 -6.35 -9.87
C THR C 98 -23.49 -5.13 -9.69
N LEU C 99 -23.78 -4.04 -10.41
CA LEU C 99 -23.19 -2.72 -10.10
C LEU C 99 -24.30 -1.83 -9.57
N SER C 100 -24.17 -1.38 -8.33
CA SER C 100 -25.17 -0.47 -7.74
C SER C 100 -24.99 0.93 -8.32
N SER C 101 -25.83 1.86 -7.85
CA SER C 101 -25.84 3.24 -8.33
C SER C 101 -24.46 3.88 -8.21
N HIS C 102 -24.01 4.51 -9.29
CA HIS C 102 -22.81 5.39 -9.29
C HIS C 102 -21.54 4.59 -8.98
N VAL C 103 -21.55 3.28 -9.15
CA VAL C 103 -20.29 2.50 -9.12
C VAL C 103 -19.37 3.01 -10.24
N MET C 104 -18.08 3.08 -9.98
CA MET C 104 -17.10 3.58 -10.96
C MET C 104 -16.03 2.51 -11.19
N LEU C 105 -15.98 1.97 -12.41
CA LEU C 105 -14.95 1.00 -12.85
C LEU C 105 -13.94 1.71 -13.75
N GLY C 106 -12.69 1.78 -13.31
CA GLY C 106 -11.62 2.37 -14.13
C GLY C 106 -11.26 1.50 -15.32
N GLY C 107 -10.48 2.07 -16.24
CA GLY C 107 -10.03 1.37 -17.44
C GLY C 107 -9.45 0.00 -17.14
N HIS C 108 -9.79 -0.98 -17.97
CA HIS C 108 -9.20 -2.35 -17.96
C HIS C 108 -9.61 -3.16 -16.72
N VAL C 109 -10.51 -2.66 -15.87
CA VAL C 109 -10.97 -3.43 -14.69
C VAL C 109 -11.66 -4.71 -15.15
N GLU C 110 -11.38 -5.81 -14.47
CA GLU C 110 -12.14 -7.07 -14.66
CA GLU C 110 -12.10 -7.10 -14.64
C GLU C 110 -12.94 -7.33 -13.38
N VAL C 111 -14.21 -7.65 -13.56
CA VAL C 111 -15.13 -8.06 -12.47
C VAL C 111 -15.61 -9.47 -12.80
N MET C 112 -15.35 -10.38 -11.88
CA MET C 112 -15.60 -11.82 -12.10
C MET C 112 -17.02 -12.19 -11.66
N GLU C 113 -17.45 -13.38 -12.08
CA GLU C 113 -18.75 -14.03 -11.78
C GLU C 113 -19.31 -13.65 -10.41
N GLY C 114 -20.52 -13.08 -10.38
CA GLY C 114 -21.33 -12.95 -9.16
C GLY C 114 -20.91 -11.83 -8.24
N ALA C 115 -19.91 -11.02 -8.59
CA ALA C 115 -19.45 -9.89 -7.73
C ALA C 115 -20.60 -8.89 -7.57
N ASN C 116 -20.68 -8.26 -6.41
CA ASN C 116 -21.73 -7.28 -6.06
C ASN C 116 -21.00 -6.01 -5.63
N LEU C 117 -21.11 -4.94 -6.40
CA LEU C 117 -20.41 -3.68 -6.09
C LEU C 117 -21.46 -2.70 -5.58
N GLY C 118 -21.27 -2.22 -4.35
CA GLY C 118 -22.24 -1.37 -3.61
C GLY C 118 -22.22 0.05 -4.13
N MET C 119 -23.22 0.84 -3.72
CA MET C 119 -23.37 2.24 -4.19
C MET C 119 -22.06 3.02 -4.08
N GLY C 120 -21.65 3.64 -5.20
CA GLY C 120 -20.61 4.67 -5.21
C GLY C 120 -19.25 4.12 -4.88
N CYS C 121 -19.05 2.80 -4.94
CA CYS C 121 -17.68 2.28 -4.79
C CYS C 121 -16.90 2.63 -6.06
N ILE C 122 -15.58 2.66 -5.92
CA ILE C 122 -14.65 3.19 -6.95
C ILE C 122 -13.48 2.22 -7.10
N ILE C 123 -13.25 1.74 -8.33
CA ILE C 123 -12.26 0.67 -8.63
C ILE C 123 -11.18 1.28 -9.52
N HIS C 124 -9.97 1.37 -8.98
CA HIS C 124 -8.78 1.83 -9.74
C HIS C 124 -8.65 1.06 -11.06
N GLN C 125 -8.19 1.75 -12.11
CA GLN C 125 -7.87 1.14 -13.42
C GLN C 125 -6.99 -0.11 -13.21
N ARG C 126 -7.22 -1.14 -14.02
CA ARG C 126 -6.43 -2.39 -14.09
C ARG C 126 -6.66 -3.29 -12.88
N GLN C 127 -7.59 -2.97 -11.99
CA GLN C 127 -7.90 -3.85 -10.82
C GLN C 127 -8.64 -5.09 -11.30
N LYS C 128 -8.73 -6.08 -10.43
CA LYS C 128 -9.50 -7.33 -10.65
C LYS C 128 -10.32 -7.62 -9.39
N ILE C 129 -11.64 -7.58 -9.53
CA ILE C 129 -12.60 -7.96 -8.46
C ILE C 129 -12.99 -9.42 -8.65
N TRP C 130 -12.59 -10.30 -7.72
CA TRP C 130 -12.74 -11.75 -7.94
C TRP C 130 -14.18 -12.21 -7.61
N HIS C 131 -14.47 -13.48 -7.86
CA HIS C 131 -15.82 -14.11 -7.83
C HIS C 131 -16.52 -13.88 -6.48
N TYR C 132 -17.80 -13.48 -6.52
CA TYR C 132 -18.70 -13.36 -5.34
C TYR C 132 -18.16 -12.39 -4.31
N CYS C 133 -17.31 -11.46 -4.71
CA CYS C 133 -16.89 -10.36 -3.84
C CYS C 133 -18.08 -9.44 -3.56
N MET C 134 -18.06 -8.80 -2.40
CA MET C 134 -19.02 -7.73 -2.02
C MET C 134 -18.18 -6.50 -1.73
N ILE C 135 -18.23 -5.49 -2.60
CA ILE C 135 -17.54 -4.22 -2.36
C ILE C 135 -18.56 -3.25 -1.73
N GLY C 136 -18.26 -2.76 -0.52
CA GLY C 136 -19.19 -1.92 0.26
C GLY C 136 -19.44 -0.57 -0.40
N MET C 137 -20.54 0.09 -0.03
CA MET C 137 -20.81 1.50 -0.39
C MET C 137 -19.54 2.34 -0.19
N GLY C 138 -19.19 3.10 -1.22
CA GLY C 138 -18.16 4.15 -1.12
C GLY C 138 -16.77 3.59 -0.91
N ALA C 139 -16.58 2.29 -1.04
CA ALA C 139 -15.23 1.68 -0.82
C ALA C 139 -14.31 2.13 -1.95
N ILE C 140 -13.05 2.41 -1.63
CA ILE C 140 -12.05 2.94 -2.58
C ILE C 140 -11.03 1.83 -2.83
N VAL C 141 -11.13 1.11 -3.93
CA VAL C 141 -10.19 -0.01 -4.25
C VAL C 141 -8.97 0.60 -4.95
N THR C 142 -7.84 0.71 -4.24
CA THR C 142 -6.63 1.38 -4.73
C THR C 142 -5.84 0.39 -5.61
N LYS C 143 -4.79 0.87 -6.29
CA LYS C 143 -4.17 0.12 -7.40
C LYS C 143 -3.55 -1.18 -6.89
N LYS C 144 -3.08 -1.24 -5.63
CA LYS C 144 -2.20 -2.37 -5.20
C LYS C 144 -2.96 -3.35 -4.33
N LEU C 145 -4.22 -3.07 -4.01
CA LEU C 145 -5.02 -3.96 -3.13
C LEU C 145 -5.20 -5.33 -3.79
N VAL C 146 -4.99 -6.39 -3.02
CA VAL C 146 -5.31 -7.79 -3.42
C VAL C 146 -6.76 -8.08 -3.05
N ILE C 147 -7.65 -8.20 -4.04
CA ILE C 147 -9.10 -8.43 -3.80
C ILE C 147 -9.37 -9.94 -3.85
N GLU C 148 -9.56 -10.57 -2.70
CA GLU C 148 -9.71 -12.04 -2.61
C GLU C 148 -11.11 -12.44 -3.02
N PRO C 149 -11.26 -13.62 -3.65
CA PRO C 149 -12.57 -14.15 -3.95
C PRO C 149 -13.43 -14.27 -2.68
N PHE C 150 -14.76 -14.15 -2.84
CA PHE C 150 -15.79 -14.44 -1.82
C PHE C 150 -15.63 -13.53 -0.60
N SER C 151 -15.06 -12.33 -0.75
CA SER C 151 -14.68 -11.45 0.37
C SER C 151 -15.44 -10.12 0.31
N ILE C 152 -15.67 -9.54 1.49
CA ILE C 152 -16.27 -8.18 1.69
C ILE C 152 -15.17 -7.15 1.91
N TYR C 153 -15.23 -6.03 1.16
CA TYR C 153 -14.26 -4.93 1.25
C TYR C 153 -15.03 -3.66 1.63
N VAL C 154 -14.51 -2.90 2.58
CA VAL C 154 -15.10 -1.58 2.95
C VAL C 154 -13.98 -0.58 3.21
N GLY C 155 -14.29 0.69 3.00
CA GLY C 155 -13.53 1.84 3.51
C GLY C 155 -12.74 2.54 2.44
N ASN C 156 -12.11 3.64 2.86
CA ASN C 156 -11.20 4.52 2.10
C ASN C 156 -9.89 4.54 2.88
N PRO C 157 -8.89 3.71 2.55
CA PRO C 157 -8.95 2.79 1.41
C PRO C 157 -9.66 1.48 1.77
N ALA C 158 -10.02 0.69 0.76
CA ALA C 158 -10.82 -0.54 0.94
C ALA C 158 -9.94 -1.56 1.66
N LYS C 159 -10.53 -2.28 2.59
CA LYS C 159 -9.86 -3.41 3.28
C LYS C 159 -10.86 -4.53 3.50
N LYS C 160 -10.36 -5.76 3.54
CA LYS C 160 -11.19 -6.96 3.74
C LYS C 160 -11.68 -7.00 5.18
N ILE C 161 -12.98 -7.26 5.38
CA ILE C 161 -13.57 -7.37 6.73
C ILE C 161 -14.18 -8.75 6.94
N GLY C 162 -14.27 -9.59 5.92
CA GLY C 162 -14.89 -10.92 6.09
C GLY C 162 -15.20 -11.58 4.78
N THR C 163 -15.97 -12.67 4.83
CA THR C 163 -16.39 -13.44 3.65
C THR C 163 -17.85 -13.12 3.32
N ASN C 164 -18.19 -13.20 2.03
CA ASN C 164 -19.55 -12.88 1.50
C ASN C 164 -20.45 -14.12 1.58
N ASP C 165 -20.78 -14.57 2.80
CA ASP C 165 -21.69 -15.72 3.06
C ASP C 165 -22.99 -15.54 2.25
N LYS C 166 -23.63 -14.37 2.43
CA LYS C 166 -24.91 -14.00 1.76
C LYS C 166 -24.80 -14.35 0.27
N GLY C 167 -23.76 -13.84 -0.39
CA GLY C 167 -23.53 -14.01 -1.83
C GLY C 167 -23.32 -15.47 -2.19
N ILE C 168 -22.60 -16.22 -1.35
CA ILE C 168 -22.27 -17.67 -1.54
C ILE C 168 -23.59 -18.47 -1.57
N GLU C 169 -24.43 -18.31 -0.55
CA GLU C 169 -25.75 -18.99 -0.41
C GLU C 169 -26.56 -18.82 -1.70
N LYS C 170 -26.83 -17.57 -2.11
CA LYS C 170 -27.69 -17.20 -3.27
C LYS C 170 -27.21 -17.91 -4.55
N SER C 171 -25.90 -17.95 -4.78
CA SER C 171 -25.27 -18.64 -5.95
C SER C 171 -25.64 -20.12 -5.94
N GLY C 172 -25.89 -20.69 -4.75
CA GLY C 172 -26.04 -22.13 -4.52
C GLY C 172 -24.92 -22.92 -5.17
N ILE C 173 -23.68 -22.73 -4.70
CA ILE C 173 -22.44 -23.31 -5.29
C ILE C 173 -21.72 -24.09 -4.18
N ASP C 174 -21.08 -25.22 -4.51
CA ASP C 174 -20.52 -26.19 -3.52
C ASP C 174 -19.16 -25.70 -3.00
N GLU C 175 -18.61 -26.39 -1.99
CA GLU C 175 -17.23 -26.13 -1.48
C GLU C 175 -16.21 -26.64 -2.51
N ARG C 176 -16.67 -27.42 -3.50
CA ARG C 176 -15.85 -27.91 -4.65
C ARG C 176 -15.60 -26.76 -5.64
N ALA C 177 -16.67 -26.14 -6.14
CA ALA C 177 -16.63 -25.04 -7.15
C ALA C 177 -16.00 -23.78 -6.52
N MET C 178 -16.06 -23.66 -5.19
CA MET C 178 -15.40 -22.60 -4.38
C MET C 178 -13.89 -22.88 -4.29
N ALA C 179 -13.49 -24.09 -3.92
CA ALA C 179 -12.06 -24.48 -3.80
C ALA C 179 -11.39 -24.27 -5.16
N THR C 180 -12.05 -24.70 -6.25
CA THR C 180 -11.65 -24.45 -7.66
C THR C 180 -11.41 -22.96 -7.94
N ILE C 181 -12.32 -22.08 -7.51
CA ILE C 181 -12.16 -20.63 -7.79
C ILE C 181 -10.91 -20.20 -7.03
N GLN C 182 -10.67 -20.73 -5.81
CA GLN C 182 -9.47 -20.40 -5.01
C GLN C 182 -8.24 -20.82 -5.80
N GLU C 183 -8.29 -21.98 -6.48
CA GLU C 183 -7.15 -22.53 -7.26
C GLU C 183 -6.81 -21.56 -8.40
N GLU C 184 -7.82 -21.07 -9.11
CA GLU C 184 -7.68 -20.07 -10.20
C GLU C 184 -7.09 -18.76 -9.64
N PHE C 185 -7.59 -18.27 -8.51
CA PHE C 185 -7.06 -17.07 -7.84
C PHE C 185 -5.59 -17.30 -7.45
N ASN C 186 -5.32 -18.42 -6.80
CA ASN C 186 -3.97 -18.71 -6.23
C ASN C 186 -2.96 -18.79 -7.37
N ALA C 187 -3.33 -19.37 -8.52
CA ALA C 187 -2.44 -19.62 -9.67
C ALA C 187 -2.43 -18.45 -10.67
N ARG C 188 -3.01 -17.30 -10.32
CA ARG C 188 -3.27 -16.16 -11.25
C ARG C 188 -1.98 -15.48 -11.72
N ARG C 189 -0.93 -15.50 -10.90
CA ARG C 189 0.46 -15.05 -11.24
C ARG C 189 1.25 -16.27 -11.74
N ASN D 5 34.22 2.75 36.57
CA ASN D 5 33.57 2.20 37.81
C ASN D 5 32.18 2.79 37.97
N ASN D 6 31.18 2.15 37.36
CA ASN D 6 29.80 2.67 37.41
C ASN D 6 28.84 1.50 37.43
N ASN D 7 27.57 1.79 37.38
CA ASN D 7 26.49 0.80 37.49
C ASN D 7 26.21 0.20 36.10
N ALA D 8 27.09 0.36 35.10
CA ALA D 8 26.84 -0.26 33.78
C ALA D 8 26.63 -1.77 34.00
N GLN D 9 25.60 -2.34 33.35
CA GLN D 9 25.28 -3.78 33.35
C GLN D 9 25.88 -4.40 32.08
N ILE D 10 26.91 -5.21 32.23
CA ILE D 10 27.61 -5.82 31.07
C ILE D 10 27.52 -7.34 31.16
N HIS D 11 26.86 -7.97 30.19
CA HIS D 11 26.72 -9.44 30.19
C HIS D 11 28.10 -10.07 30.13
N PRO D 12 28.37 -11.15 30.88
CA PRO D 12 29.71 -11.74 30.88
C PRO D 12 30.17 -12.28 29.51
N SER D 13 29.25 -12.50 28.55
CA SER D 13 29.58 -12.99 27.19
C SER D 13 29.89 -11.82 26.26
N ALA D 14 29.64 -10.59 26.69
CA ALA D 14 30.03 -9.38 25.92
C ALA D 14 31.56 -9.32 25.88
N VAL D 15 32.09 -8.95 24.73
CA VAL D 15 33.54 -8.81 24.54
C VAL D 15 33.84 -7.33 24.33
N ILE D 16 34.45 -6.72 25.33
CA ILE D 16 34.70 -5.26 25.35
C ILE D 16 36.21 -5.07 25.39
N HIS D 17 36.73 -4.37 24.41
CA HIS D 17 38.18 -4.11 24.25
C HIS D 17 38.65 -3.18 25.38
N GLU D 18 39.86 -3.36 25.86
CA GLU D 18 40.49 -2.38 26.79
C GLU D 18 40.39 -0.97 26.18
N GLY D 19 40.05 0.03 27.00
CA GLY D 19 39.99 1.43 26.55
C GLY D 19 38.57 1.92 26.32
N VAL D 20 37.61 1.02 26.07
CA VAL D 20 36.21 1.44 25.75
C VAL D 20 35.66 2.24 26.93
N ILE D 21 35.00 3.36 26.64
CA ILE D 21 34.34 4.21 27.65
C ILE D 21 32.87 3.87 27.69
N ILE D 22 32.41 3.35 28.83
CA ILE D 22 30.98 3.03 29.05
C ILE D 22 30.54 3.85 30.25
N GLU D 23 29.51 4.66 30.05
CA GLU D 23 28.97 5.56 31.09
C GLU D 23 27.96 4.81 31.95
N ASP D 24 27.47 5.48 32.98
CA ASP D 24 26.45 4.95 33.92
C ASP D 24 25.16 4.60 33.17
N ASP D 25 24.39 3.66 33.71
CA ASP D 25 23.02 3.37 33.24
C ASP D 25 23.08 2.83 31.82
N VAL D 26 24.21 2.26 31.43
CA VAL D 26 24.34 1.56 30.12
C VAL D 26 24.09 0.05 30.35
N TYR D 27 23.41 -0.55 29.38
CA TYR D 27 23.14 -2.00 29.29
C TYR D 27 23.90 -2.50 28.08
N ILE D 28 24.82 -3.45 28.28
CA ILE D 28 25.50 -4.21 27.19
CA ILE D 28 25.43 -4.20 27.16
C ILE D 28 25.04 -5.68 27.28
N GLY D 29 24.30 -6.16 26.28
CA GLY D 29 23.77 -7.52 26.30
C GLY D 29 24.76 -8.58 25.84
N PRO D 30 24.26 -9.83 25.77
CA PRO D 30 25.13 -10.95 25.44
C PRO D 30 25.84 -10.78 24.10
N ASN D 31 27.09 -11.22 24.05
CA ASN D 31 27.88 -11.45 22.83
C ASN D 31 28.03 -10.17 22.00
N CYS D 32 27.92 -9.00 22.61
CA CYS D 32 28.30 -7.73 21.92
C CYS D 32 29.81 -7.76 21.67
N ILE D 33 30.29 -7.07 20.65
CA ILE D 33 31.74 -6.91 20.40
C ILE D 33 31.98 -5.41 20.28
N ILE D 34 32.60 -4.84 21.29
CA ILE D 34 32.75 -3.37 21.38
C ILE D 34 34.23 -2.99 21.46
N GLY D 35 34.66 -2.09 20.57
CA GLY D 35 36.00 -1.47 20.61
C GLY D 35 37.07 -2.30 19.94
N TYR D 36 36.73 -3.38 19.21
CA TYR D 36 37.72 -4.13 18.39
C TYR D 36 38.09 -3.29 17.17
N PRO D 37 39.20 -3.63 16.49
CA PRO D 37 39.82 -2.74 15.52
C PRO D 37 38.90 -2.34 14.38
N PRO D 38 39.09 -1.10 13.88
CA PRO D 38 38.34 -0.64 12.72
C PRO D 38 38.58 -1.58 11.52
N GLU D 39 37.54 -1.84 10.75
CA GLU D 39 37.59 -2.72 9.55
C GLU D 39 38.03 -1.85 8.39
N ASP D 40 39.25 -1.38 8.53
CA ASP D 40 39.95 -0.47 7.60
C ASP D 40 41.30 -1.13 7.39
N LYS D 41 41.54 -1.69 6.21
CA LYS D 41 42.77 -2.46 5.92
C LYS D 41 44.02 -1.60 6.16
N ALA D 42 43.90 -0.27 6.05
CA ALA D 42 45.02 0.67 6.28
C ALA D 42 45.40 0.70 7.77
N VAL D 43 44.53 0.23 8.69
CA VAL D 43 44.72 0.45 10.16
C VAL D 43 44.70 -0.91 10.89
N PHE D 44 43.74 -1.77 10.57
CA PHE D 44 43.58 -3.10 11.24
C PHE D 44 44.93 -3.79 11.34
N PRO D 45 45.30 -4.45 12.48
CA PRO D 45 44.46 -4.56 13.67
C PRO D 45 44.67 -3.50 14.77
N GLN D 46 45.20 -2.33 14.43
CA GLN D 46 45.50 -1.29 15.44
C GLN D 46 44.19 -0.64 15.88
N THR D 47 44.19 -0.04 17.07
CA THR D 47 43.04 0.71 17.64
C THR D 47 43.53 2.10 18.01
N PRO D 48 43.66 3.02 17.03
CA PRO D 48 44.11 4.39 17.31
C PRO D 48 43.18 5.11 18.29
N TYR D 49 41.87 4.83 18.20
CA TYR D 49 40.82 5.37 19.08
C TYR D 49 40.02 4.19 19.64
N THR D 50 38.93 4.49 20.32
CA THR D 50 38.12 3.45 20.96
C THR D 50 36.65 3.75 20.64
N VAL D 51 35.78 3.42 21.58
CA VAL D 51 34.32 3.59 21.50
C VAL D 51 33.90 4.28 22.80
N HIS D 52 32.92 5.19 22.71
CA HIS D 52 32.37 5.88 23.88
C HIS D 52 30.86 5.69 23.84
N ILE D 53 30.28 5.01 24.83
CA ILE D 53 28.81 4.84 24.91
C ILE D 53 28.27 5.68 26.05
N CYS D 54 27.32 6.59 25.77
CA CYS D 54 26.82 7.53 26.79
C CYS D 54 25.64 6.97 27.59
N SER D 55 25.37 7.63 28.72
CA SER D 55 24.44 7.13 29.75
CA SER D 55 24.42 7.16 29.75
C SER D 55 23.04 6.90 29.16
N GLY D 56 22.37 5.87 29.65
CA GLY D 56 20.98 5.55 29.34
C GLY D 56 20.90 4.61 28.14
N THR D 57 21.98 4.44 27.40
CA THR D 57 21.95 3.63 26.14
C THR D 57 21.82 2.15 26.46
N LYS D 58 20.97 1.47 25.73
CA LYS D 58 20.74 0.01 25.89
C LYS D 58 21.18 -0.64 24.59
N ILE D 59 22.09 -1.61 24.67
CA ILE D 59 22.60 -2.37 23.50
C ILE D 59 22.28 -3.82 23.79
N THR D 60 21.29 -4.38 23.12
CA THR D 60 20.52 -5.54 23.66
C THR D 60 21.27 -6.88 23.45
N GLY D 61 22.10 -7.04 22.42
CA GLY D 61 22.86 -8.29 22.20
C GLY D 61 23.36 -8.44 20.78
N ASN D 62 24.50 -9.11 20.63
CA ASN D 62 25.10 -9.41 19.32
C ASN D 62 25.31 -8.12 18.54
N VAL D 63 25.51 -6.99 19.20
CA VAL D 63 25.78 -5.72 18.50
C VAL D 63 27.29 -5.56 18.38
N THR D 64 27.77 -5.09 17.23
CA THR D 64 29.21 -4.82 17.05
C THR D 64 29.38 -3.32 16.85
N ILE D 65 30.34 -2.76 17.58
CA ILE D 65 30.67 -1.31 17.53
C ILE D 65 32.20 -1.24 17.50
N ASP D 66 32.76 -0.87 16.36
CA ASP D 66 34.23 -0.87 16.14
C ASP D 66 34.86 0.43 16.68
N ALA D 67 36.12 0.30 17.08
CA ALA D 67 37.05 1.39 17.44
C ALA D 67 37.16 2.35 16.26
N GLY D 68 37.43 3.62 16.57
CA GLY D 68 37.61 4.65 15.52
C GLY D 68 39.01 4.64 14.89
N THR D 69 39.14 5.36 13.78
CA THR D 69 40.43 5.56 13.07
C THR D 69 40.92 6.98 13.32
N ILE D 70 40.02 7.95 13.44
CA ILE D 70 40.39 9.40 13.58
C ILE D 70 39.65 10.06 14.74
N LYS D 71 38.70 9.37 15.38
CA LYS D 71 37.95 9.89 16.56
C LYS D 71 37.40 8.67 17.28
N ASN D 72 36.95 8.81 18.53
CA ASN D 72 36.20 7.71 19.19
C ASN D 72 34.89 7.50 18.45
N THR D 73 34.56 6.24 18.14
CA THR D 73 33.19 5.91 17.72
C THR D 73 32.26 6.30 18.88
N TYR D 74 31.18 7.01 18.62
CA TYR D 74 30.43 7.68 19.70
C TYR D 74 28.95 7.33 19.58
N ILE D 75 28.40 6.84 20.69
CA ILE D 75 26.96 6.61 20.89
C ILE D 75 26.46 7.57 21.96
N GLY D 76 25.46 8.37 21.63
CA GLY D 76 24.89 9.38 22.53
C GLY D 76 24.00 8.79 23.61
N ASN D 77 23.30 9.67 24.32
CA ASN D 77 22.49 9.31 25.49
C ASN D 77 21.19 8.64 25.03
N ASP D 78 20.71 7.66 25.79
CA ASP D 78 19.31 7.15 25.70
C ASP D 78 19.06 6.59 24.30
N CYS D 79 20.09 6.01 23.71
CA CYS D 79 19.97 5.26 22.44
C CYS D 79 19.53 3.83 22.73
N PHE D 80 19.02 3.15 21.70
CA PHE D 80 18.48 1.78 21.82
C PHE D 80 18.96 1.05 20.56
N LEU D 81 19.90 0.11 20.74
CA LEU D 81 20.50 -0.65 19.62
C LEU D 81 20.12 -2.13 19.79
N MET D 82 19.47 -2.68 18.78
CA MET D 82 18.80 -4.00 18.83
C MET D 82 19.69 -5.05 18.16
N LYS D 83 19.30 -6.32 18.26
CA LYS D 83 20.22 -7.45 18.01
C LYS D 83 20.89 -7.31 16.63
N GLY D 84 22.20 -7.53 16.56
CA GLY D 84 22.89 -7.75 15.28
C GLY D 84 23.23 -6.45 14.59
N ALA D 85 22.88 -5.28 15.15
CA ALA D 85 23.24 -3.97 14.58
C ALA D 85 24.77 -3.90 14.45
N TYR D 86 25.22 -3.25 13.37
CA TYR D 86 26.64 -3.09 13.04
C TYR D 86 26.95 -1.59 12.98
N VAL D 87 27.88 -1.15 13.82
CA VAL D 87 28.33 0.27 13.84
C VAL D 87 29.81 0.28 13.51
N ALA D 88 30.15 0.81 12.34
CA ALA D 88 31.55 0.84 11.86
C ALA D 88 32.34 1.92 12.62
N HIS D 89 33.65 1.91 12.41
CA HIS D 89 34.63 2.93 12.85
C HIS D 89 34.12 4.35 12.56
N ASP D 90 34.27 5.21 13.58
CA ASP D 90 34.16 6.68 13.44
C ASP D 90 32.71 7.08 13.28
N VAL D 91 31.78 6.15 13.46
CA VAL D 91 30.35 6.54 13.48
C VAL D 91 30.10 7.44 14.69
N VAL D 92 29.25 8.44 14.50
CA VAL D 92 28.74 9.33 15.59
C VAL D 92 27.23 9.24 15.59
N ILE D 93 26.68 8.71 16.67
CA ILE D 93 25.22 8.60 16.88
C ILE D 93 24.84 9.61 17.96
N GLY D 94 23.82 10.42 17.66
CA GLY D 94 23.29 11.44 18.59
C GLY D 94 22.43 10.82 19.67
N ASN D 95 21.70 11.64 20.42
CA ASN D 95 20.84 11.18 21.53
C ASN D 95 19.53 10.62 20.98
N ASN D 96 18.94 9.67 21.71
CA ASN D 96 17.56 9.18 21.51
C ASN D 96 17.43 8.56 20.13
N VAL D 97 18.49 7.91 19.63
CA VAL D 97 18.45 7.21 18.32
C VAL D 97 18.08 5.74 18.57
N THR D 98 17.30 5.16 17.66
CA THR D 98 16.94 3.72 17.72
C THR D 98 17.53 3.06 16.48
N LEU D 99 18.35 2.04 16.65
CA LEU D 99 18.75 1.14 15.55
C LEU D 99 18.03 -0.20 15.76
N SER D 100 17.16 -0.58 14.82
CA SER D 100 16.48 -1.89 14.82
C SER D 100 17.49 -3.00 14.53
N SER D 101 17.02 -4.23 14.59
CA SER D 101 17.90 -5.41 14.38
C SER D 101 18.63 -5.30 13.02
N HIS D 102 19.92 -5.66 13.00
CA HIS D 102 20.76 -5.82 11.78
C HIS D 102 20.88 -4.51 10.99
N VAL D 103 20.59 -3.37 11.60
CA VAL D 103 20.94 -2.07 10.96
C VAL D 103 22.47 -2.02 10.77
N MET D 104 22.92 -1.53 9.61
CA MET D 104 24.36 -1.42 9.29
C MET D 104 24.73 0.03 8.97
N LEU D 105 25.62 0.61 9.77
CA LEU D 105 26.13 2.00 9.61
C LEU D 105 27.57 1.90 9.14
N GLY D 106 27.85 2.26 7.89
CA GLY D 106 29.23 2.30 7.37
C GLY D 106 30.10 3.33 8.08
N GLY D 107 31.40 3.26 7.80
CA GLY D 107 32.42 4.10 8.41
C GLY D 107 32.04 5.57 8.31
N HIS D 108 32.21 6.30 9.42
CA HIS D 108 32.09 7.78 9.51
C HIS D 108 30.64 8.24 9.38
N VAL D 109 29.65 7.34 9.39
CA VAL D 109 28.22 7.74 9.31
C VAL D 109 27.89 8.59 10.53
N GLU D 110 27.07 9.61 10.32
CA GLU D 110 26.52 10.43 11.42
C GLU D 110 25.03 10.20 11.47
N VAL D 111 24.48 9.93 12.66
CA VAL D 111 23.01 9.79 12.85
C VAL D 111 22.61 10.80 13.89
N MET D 112 21.68 11.69 13.52
CA MET D 112 21.36 12.86 14.39
C MET D 112 20.20 12.49 15.34
N GLU D 113 20.00 13.35 16.33
CA GLU D 113 18.97 13.29 17.39
C GLU D 113 17.68 12.64 16.88
N GLY D 114 17.24 11.57 17.55
CA GLY D 114 15.88 11.03 17.44
C GLY D 114 15.60 10.24 16.15
N ALA D 115 16.58 10.03 15.30
CA ALA D 115 16.43 9.21 14.09
C ALA D 115 16.04 7.78 14.49
N ASN D 116 15.25 7.12 13.64
CA ASN D 116 14.75 5.75 13.88
C ASN D 116 15.10 4.95 12.63
N LEU D 117 15.96 3.94 12.78
CA LEU D 117 16.44 3.14 11.62
C LEU D 117 15.85 1.74 11.74
N GLY D 118 15.06 1.35 10.73
CA GLY D 118 14.27 0.11 10.72
C GLY D 118 15.15 -1.11 10.47
N MET D 119 14.58 -2.29 10.68
CA MET D 119 15.34 -3.56 10.61
C MET D 119 16.11 -3.65 9.29
N GLY D 120 17.41 -3.95 9.37
CA GLY D 120 18.24 -4.34 8.22
C GLY D 120 18.44 -3.23 7.20
N CYS D 121 18.17 -1.96 7.55
CA CYS D 121 18.58 -0.87 6.64
C CYS D 121 20.11 -0.73 6.66
N ILE D 122 20.64 -0.23 5.55
CA ILE D 122 22.09 -0.17 5.31
C ILE D 122 22.45 1.25 4.85
N ILE D 123 23.38 1.86 5.56
CA ILE D 123 23.79 3.28 5.37
C ILE D 123 25.23 3.30 4.85
N HIS D 124 25.41 3.75 3.60
CA HIS D 124 26.75 3.92 2.96
C HIS D 124 27.66 4.73 3.88
N GLN D 125 28.93 4.40 3.90
CA GLN D 125 29.98 5.15 4.65
C GLN D 125 29.88 6.64 4.31
N ARG D 126 30.06 7.49 5.33
CA ARG D 126 30.16 8.97 5.23
C ARG D 126 28.80 9.61 4.95
N GLN D 127 27.71 8.84 5.05
CA GLN D 127 26.35 9.40 4.98
C GLN D 127 26.02 10.12 6.28
N LYS D 128 24.94 10.91 6.22
CA LYS D 128 24.39 11.66 7.36
C LYS D 128 22.87 11.46 7.37
N ILE D 129 22.35 10.89 8.47
CA ILE D 129 20.91 10.70 8.72
C ILE D 129 20.51 11.82 9.66
N TRP D 130 19.64 12.72 9.21
CA TRP D 130 19.32 13.97 9.94
C TRP D 130 18.27 13.69 11.02
N HIS D 131 18.00 14.72 11.82
CA HIS D 131 17.17 14.65 13.05
C HIS D 131 15.77 14.09 12.74
N TYR D 132 15.30 13.15 13.56
CA TYR D 132 13.95 12.55 13.51
C TYR D 132 13.67 11.98 12.12
N CYS D 133 14.69 11.57 11.37
CA CYS D 133 14.48 10.79 10.13
C CYS D 133 13.98 9.38 10.51
N MET D 134 13.21 8.78 9.61
CA MET D 134 12.77 7.37 9.71
C MET D 134 13.32 6.68 8.48
N ILE D 135 14.20 5.70 8.69
CA ILE D 135 14.73 4.88 7.58
C ILE D 135 13.98 3.55 7.63
N GLY D 136 13.27 3.20 6.56
CA GLY D 136 12.41 2.02 6.54
C GLY D 136 13.24 0.75 6.58
N MET D 137 12.62 -0.33 7.03
CA MET D 137 13.29 -1.65 7.05
C MET D 137 13.80 -1.98 5.65
N GLY D 138 15.04 -2.45 5.58
CA GLY D 138 15.66 -2.89 4.31
C GLY D 138 16.08 -1.76 3.38
N ALA D 139 15.88 -0.49 3.73
CA ALA D 139 16.25 0.64 2.86
C ALA D 139 17.78 0.68 2.70
N ILE D 140 18.21 0.94 1.47
CA ILE D 140 19.63 1.03 1.06
C ILE D 140 19.98 2.50 0.80
N VAL D 141 20.61 3.17 1.75
CA VAL D 141 21.00 4.61 1.62
C VAL D 141 22.35 4.69 0.90
N THR D 142 22.32 5.06 -0.39
CA THR D 142 23.50 5.17 -1.26
C THR D 142 24.18 6.53 -1.03
N LYS D 143 25.39 6.68 -1.57
CA LYS D 143 26.30 7.80 -1.24
C LYS D 143 25.66 9.13 -1.66
N LYS D 144 24.84 9.18 -2.72
CA LYS D 144 24.47 10.48 -3.36
C LYS D 144 23.14 11.00 -2.81
N LEU D 145 22.41 10.20 -2.03
CA LEU D 145 21.09 10.60 -1.47
C LEU D 145 21.28 11.75 -0.49
N VAL D 146 20.51 12.82 -0.63
CA VAL D 146 20.58 13.98 0.31
C VAL D 146 19.42 13.82 1.29
N ILE D 147 19.72 13.27 2.47
CA ILE D 147 18.71 13.02 3.53
C ILE D 147 18.32 14.39 4.10
N GLU D 148 17.02 14.60 4.38
CA GLU D 148 16.50 15.84 5.00
C GLU D 148 15.98 15.51 6.39
N PRO D 149 16.08 16.45 7.35
CA PRO D 149 15.47 16.23 8.65
C PRO D 149 13.98 15.92 8.55
N PHE D 150 13.49 15.10 9.49
CA PHE D 150 12.06 14.80 9.72
C PHE D 150 11.47 13.99 8.56
N SER D 151 12.30 13.40 7.71
CA SER D 151 11.82 12.76 6.46
C SER D 151 11.94 11.23 6.56
N ILE D 152 11.10 10.55 5.78
CA ILE D 152 10.98 9.06 5.75
C ILE D 152 11.60 8.56 4.45
N TYR D 153 12.47 7.55 4.55
CA TYR D 153 13.15 6.96 3.37
C TYR D 153 12.90 5.47 3.37
N VAL D 154 12.54 4.93 2.20
CA VAL D 154 12.33 3.46 2.00
C VAL D 154 12.86 3.07 0.62
N GLY D 155 13.20 1.79 0.49
CA GLY D 155 13.49 1.15 -0.80
C GLY D 155 14.95 0.88 -1.03
N ASN D 156 15.18 0.17 -2.13
CA ASN D 156 16.49 -0.21 -2.69
C ASN D 156 16.51 0.34 -4.11
N PRO D 157 17.14 1.51 -4.39
CA PRO D 157 17.76 2.36 -3.37
C PRO D 157 16.73 3.22 -2.62
N ALA D 158 17.12 3.78 -1.48
CA ALA D 158 16.24 4.56 -0.62
C ALA D 158 15.84 5.87 -1.34
N LYS D 159 14.56 6.22 -1.21
CA LYS D 159 13.97 7.49 -1.70
C LYS D 159 13.09 8.07 -0.60
N LYS D 160 13.00 9.41 -0.54
CA LYS D 160 12.03 10.11 0.33
C LYS D 160 10.61 9.70 -0.09
N ILE D 161 9.75 9.38 0.88
CA ILE D 161 8.30 9.14 0.65
C ILE D 161 7.43 10.04 1.53
N GLY D 162 7.97 10.77 2.50
CA GLY D 162 7.14 11.66 3.34
C GLY D 162 7.88 12.31 4.51
N THR D 163 7.14 12.92 5.44
CA THR D 163 7.61 13.56 6.70
C THR D 163 7.27 12.62 7.87
N ASN D 164 8.13 12.51 8.88
CA ASN D 164 8.00 11.54 10.01
C ASN D 164 7.18 12.21 11.12
N ASP D 165 5.87 11.92 11.19
CA ASP D 165 4.88 12.67 12.00
C ASP D 165 4.27 11.74 13.05
N MET D 178 12.00 22.82 15.94
CA MET D 178 12.27 22.44 14.53
C MET D 178 13.06 23.55 13.83
N ALA D 179 12.98 24.78 14.35
CA ALA D 179 13.53 26.02 13.77
C ALA D 179 15.05 25.88 13.59
N THR D 180 15.77 25.63 14.69
CA THR D 180 17.26 25.51 14.76
C THR D 180 17.76 24.41 13.81
N ILE D 181 17.06 23.27 13.79
CA ILE D 181 17.46 22.06 13.01
C ILE D 181 17.39 22.41 11.52
N GLN D 182 16.24 22.92 11.07
CA GLN D 182 15.98 23.29 9.66
C GLN D 182 16.99 24.36 9.23
N GLU D 183 17.40 25.24 10.14
CA GLU D 183 18.48 26.25 9.92
C GLU D 183 19.81 25.52 9.70
N GLU D 184 20.17 24.62 10.63
CA GLU D 184 21.47 23.89 10.67
C GLU D 184 21.66 23.02 9.43
N PHE D 185 20.58 22.49 8.85
CA PHE D 185 20.60 21.64 7.62
C PHE D 185 20.84 22.51 6.37
N ASN D 186 20.25 23.71 6.34
CA ASN D 186 20.28 24.61 5.16
C ASN D 186 21.71 25.15 4.98
N ALA D 187 22.44 25.36 6.09
CA ALA D 187 23.91 25.52 6.10
C ALA D 187 24.57 24.14 6.21
N ARG D 188 25.58 23.86 5.37
CA ARG D 188 26.37 22.60 5.42
C ARG D 188 27.41 22.60 4.30
N ASN E 7 18.57 -34.99 26.97
CA ASN E 7 17.49 -35.10 25.94
C ASN E 7 17.51 -33.89 24.98
N ALA E 8 18.27 -32.82 25.26
CA ALA E 8 18.48 -31.65 24.36
C ALA E 8 19.96 -31.27 24.29
N GLN E 9 20.45 -30.93 23.09
CA GLN E 9 21.88 -30.62 22.77
C GLN E 9 22.06 -29.08 22.74
N ILE E 10 22.47 -28.50 23.87
CA ILE E 10 22.63 -27.04 24.06
C ILE E 10 24.12 -26.73 24.09
N HIS E 11 24.63 -25.92 23.18
CA HIS E 11 26.07 -25.58 23.16
C HIS E 11 26.39 -24.80 24.43
N PRO E 12 27.53 -25.06 25.08
CA PRO E 12 27.92 -24.29 26.25
C PRO E 12 28.01 -22.76 26.08
N SER E 13 28.25 -22.26 24.87
CA SER E 13 28.34 -20.80 24.56
C SER E 13 26.94 -20.21 24.30
N ALA E 14 25.89 -21.02 24.17
CA ALA E 14 24.51 -20.49 24.05
C ALA E 14 24.12 -19.75 25.33
N VAL E 15 23.45 -18.61 25.20
CA VAL E 15 23.05 -17.74 26.32
C VAL E 15 21.54 -17.86 26.44
N ILE E 16 21.09 -18.59 27.46
CA ILE E 16 19.67 -18.96 27.64
C ILE E 16 19.19 -18.34 28.95
N HIS E 17 18.20 -17.46 28.85
CA HIS E 17 17.66 -16.72 30.01
C HIS E 17 16.98 -17.72 30.96
N GLU E 18 16.99 -17.41 32.25
CA GLU E 18 16.16 -18.10 33.27
C GLU E 18 14.70 -18.13 32.79
N GLY E 19 14.03 -19.28 32.91
CA GLY E 19 12.58 -19.45 32.64
C GLY E 19 12.28 -19.97 31.25
N VAL E 20 13.27 -19.96 30.34
CA VAL E 20 13.06 -20.42 28.95
C VAL E 20 12.64 -21.90 28.96
N ILE E 21 11.66 -22.23 28.14
CA ILE E 21 11.17 -23.64 28.00
C ILE E 21 11.81 -24.26 26.78
N ILE E 22 12.68 -25.24 26.99
CA ILE E 22 13.32 -25.99 25.88
C ILE E 22 12.85 -27.43 25.98
N GLU E 23 12.12 -27.90 24.98
CA GLU E 23 11.64 -29.30 24.94
C GLU E 23 12.81 -30.22 24.64
N ASP E 24 12.56 -31.51 24.85
CA ASP E 24 13.49 -32.60 24.48
C ASP E 24 13.73 -32.52 22.98
N ASP E 25 14.93 -32.96 22.56
CA ASP E 25 15.35 -33.13 21.16
C ASP E 25 15.37 -31.76 20.46
N VAL E 26 15.84 -30.74 21.17
CA VAL E 26 16.08 -29.39 20.58
C VAL E 26 17.58 -29.20 20.53
N TYR E 27 18.11 -28.77 19.38
CA TYR E 27 19.52 -28.38 19.20
C TYR E 27 19.59 -26.85 19.28
N ILE E 28 20.39 -26.37 20.22
CA ILE E 28 20.72 -24.91 20.30
CA ILE E 28 20.73 -24.92 20.34
C ILE E 28 22.23 -24.77 20.13
N GLY E 29 22.62 -24.08 19.05
CA GLY E 29 24.02 -23.94 18.64
C GLY E 29 24.77 -22.82 19.34
N PRO E 30 26.04 -22.60 18.97
CA PRO E 30 26.88 -21.60 19.64
C PRO E 30 26.29 -20.18 19.60
N ASN E 31 26.42 -19.52 20.73
CA ASN E 31 26.21 -18.06 20.87
C ASN E 31 24.79 -17.64 20.54
N CYS E 32 23.80 -18.54 20.60
CA CYS E 32 22.37 -18.15 20.52
C CYS E 32 22.04 -17.28 21.75
N ILE E 33 21.08 -16.36 21.60
CA ILE E 33 20.59 -15.52 22.71
C ILE E 33 19.09 -15.75 22.80
N ILE E 34 18.65 -16.51 23.81
CA ILE E 34 17.25 -16.95 23.93
C ILE E 34 16.64 -16.50 25.25
N GLY E 35 15.54 -15.76 25.14
CA GLY E 35 14.69 -15.41 26.27
C GLY E 35 15.12 -14.10 26.91
N TYR E 36 16.00 -13.33 26.28
CA TYR E 36 16.39 -11.99 26.78
C TYR E 36 15.25 -11.03 26.51
N PRO E 37 15.23 -9.85 27.16
CA PRO E 37 14.03 -9.03 27.21
C PRO E 37 13.52 -8.57 25.86
N PRO E 38 12.20 -8.39 25.75
CA PRO E 38 11.59 -7.89 24.54
C PRO E 38 12.19 -6.52 24.21
N GLU E 39 12.48 -6.28 22.94
CA GLU E 39 13.07 -4.99 22.47
C GLU E 39 11.93 -3.98 22.28
N ASP E 40 11.15 -3.81 23.34
CA ASP E 40 9.96 -2.94 23.41
C ASP E 40 10.29 -1.97 24.53
N LYS E 41 10.59 -0.71 24.19
CA LYS E 41 11.07 0.31 25.17
C LYS E 41 10.09 0.45 26.34
N ALA E 42 8.79 0.15 26.15
CA ALA E 42 7.78 0.22 27.23
C ALA E 42 7.97 -0.93 28.24
N VAL E 43 8.73 -1.98 27.90
CA VAL E 43 8.84 -3.23 28.72
C VAL E 43 10.30 -3.45 29.11
N PHE E 44 11.22 -3.43 28.15
CA PHE E 44 12.67 -3.69 28.37
C PHE E 44 13.10 -2.96 29.64
N PRO E 45 13.91 -3.54 30.56
CA PRO E 45 14.42 -4.91 30.47
C PRO E 45 13.59 -5.99 31.18
N GLN E 46 12.31 -5.73 31.42
CA GLN E 46 11.44 -6.73 32.10
C GLN E 46 11.20 -7.91 31.15
N THR E 47 10.99 -9.10 31.70
CA THR E 47 10.59 -10.33 30.97
C THR E 47 9.25 -10.80 31.51
N PRO E 48 8.12 -10.22 31.06
CA PRO E 48 6.80 -10.63 31.52
C PRO E 48 6.50 -12.08 31.12
N TYR E 49 6.96 -12.48 29.93
CA TYR E 49 6.80 -13.84 29.38
C TYR E 49 8.19 -14.37 29.04
N THR E 50 8.24 -15.52 28.38
CA THR E 50 9.55 -16.11 28.04
C THR E 50 9.50 -16.64 26.61
N VAL E 51 10.27 -17.69 26.35
CA VAL E 51 10.31 -18.38 25.04
C VAL E 51 10.03 -19.87 25.27
N HIS E 52 9.34 -20.47 24.33
CA HIS E 52 9.02 -21.92 24.31
C HIS E 52 9.45 -22.49 22.96
N ILE E 53 10.44 -23.38 22.97
CA ILE E 53 10.97 -24.06 21.76
C ILE E 53 10.58 -25.53 21.81
N CYS E 54 9.87 -25.99 20.80
CA CYS E 54 9.28 -27.36 20.78
C CYS E 54 10.23 -28.40 20.17
N SER E 55 9.98 -29.67 20.52
CA SER E 55 10.77 -30.86 20.10
C SER E 55 11.05 -30.87 18.59
N GLY E 56 12.29 -31.27 18.24
CA GLY E 56 12.72 -31.47 16.85
C GLY E 56 13.35 -30.23 16.25
N THR E 57 13.22 -29.09 16.91
CA THR E 57 13.69 -27.81 16.35
C THR E 57 15.21 -27.75 16.48
N LYS E 58 15.84 -27.22 15.43
CA LYS E 58 17.30 -27.00 15.38
CA LYS E 58 17.30 -26.99 15.40
C LYS E 58 17.55 -25.50 15.19
N ILE E 59 18.30 -24.91 16.10
CA ILE E 59 18.69 -23.46 16.12
C ILE E 59 20.21 -23.46 16.03
N THR E 60 20.75 -23.08 14.87
CA THR E 60 22.13 -23.52 14.47
C THR E 60 23.23 -22.68 15.11
N GLY E 61 22.99 -21.40 15.40
CA GLY E 61 24.05 -20.53 15.94
C GLY E 61 23.78 -19.06 15.73
N ASN E 62 24.12 -18.23 16.73
CA ASN E 62 23.98 -16.76 16.65
C ASN E 62 22.52 -16.40 16.38
N VAL E 63 21.55 -17.24 16.73
CA VAL E 63 20.10 -16.92 16.57
C VAL E 63 19.64 -16.19 17.84
N THR E 64 18.84 -15.15 17.67
CA THR E 64 18.25 -14.43 18.82
C THR E 64 16.75 -14.66 18.80
N ILE E 65 16.22 -15.05 19.95
CA ILE E 65 14.77 -15.27 20.16
C ILE E 65 14.37 -14.59 21.45
N ASP E 66 13.62 -13.51 21.36
CA ASP E 66 13.38 -12.65 22.55
C ASP E 66 12.14 -13.16 23.29
N ALA E 67 12.14 -12.97 24.59
CA ALA E 67 10.98 -13.21 25.48
C ALA E 67 9.82 -12.32 25.03
N GLY E 68 8.59 -12.75 25.34
CA GLY E 68 7.36 -12.08 24.88
C GLY E 68 6.95 -10.97 25.81
N THR E 69 5.99 -10.16 25.38
CA THR E 69 5.36 -9.08 26.18
C THR E 69 3.95 -9.49 26.60
N ILE E 70 3.21 -10.29 25.82
CA ILE E 70 1.80 -10.65 26.14
C ILE E 70 1.58 -12.16 26.08
N LYS E 71 2.59 -12.91 25.64
CA LYS E 71 2.53 -14.38 25.49
C LYS E 71 3.97 -14.88 25.40
N ASN E 72 4.20 -16.17 25.60
CA ASN E 72 5.55 -16.71 25.33
C ASN E 72 5.77 -16.65 23.82
N THR E 73 6.95 -16.18 23.42
CA THR E 73 7.44 -16.34 22.04
C THR E 73 7.53 -17.86 21.79
N TYR E 74 7.03 -18.35 20.66
CA TYR E 74 6.77 -19.81 20.50
C TYR E 74 7.37 -20.27 19.18
N ILE E 75 8.17 -21.33 19.25
CA ILE E 75 8.72 -22.03 18.07
C ILE E 75 8.18 -23.47 18.09
N GLY E 76 7.50 -23.87 17.03
CA GLY E 76 6.84 -25.19 16.88
C GLY E 76 7.82 -26.33 16.69
N ASN E 77 7.28 -27.53 16.42
CA ASN E 77 8.07 -28.75 16.20
C ASN E 77 8.86 -28.64 14.88
N ASP E 78 10.05 -29.21 14.86
CA ASP E 78 10.76 -29.57 13.60
C ASP E 78 11.06 -28.30 12.80
N CYS E 79 11.35 -27.21 13.49
CA CYS E 79 11.75 -25.95 12.83
C CYS E 79 13.26 -25.96 12.59
N PHE E 80 13.73 -25.15 11.66
CA PHE E 80 15.18 -25.03 11.33
C PHE E 80 15.51 -23.54 11.18
N LEU E 81 16.23 -23.01 12.18
CA LEU E 81 16.62 -21.59 12.26
C LEU E 81 18.13 -21.50 12.06
N MET E 82 18.53 -20.78 11.02
CA MET E 82 19.94 -20.70 10.57
C MET E 82 20.63 -19.42 11.07
N LYS E 83 21.94 -19.33 10.83
CA LYS E 83 22.85 -18.37 11.53
C LYS E 83 22.28 -16.96 11.50
N GLY E 84 22.19 -16.31 12.66
CA GLY E 84 21.94 -14.87 12.77
C GLY E 84 20.46 -14.53 12.64
N ALA E 85 19.55 -15.51 12.51
CA ALA E 85 18.09 -15.26 12.49
C ALA E 85 17.69 -14.44 13.72
N TYR E 86 16.77 -13.49 13.52
CA TYR E 86 16.23 -12.65 14.60
C TYR E 86 14.74 -12.89 14.73
N VAL E 87 14.33 -13.31 15.92
CA VAL E 87 12.90 -13.57 16.22
C VAL E 87 12.49 -12.64 17.36
N ALA E 88 11.62 -11.67 17.08
CA ALA E 88 11.23 -10.63 18.06
C ALA E 88 10.26 -11.21 19.09
N HIS E 89 9.98 -10.43 20.11
CA HIS E 89 8.96 -10.71 21.15
C HIS E 89 7.62 -11.12 20.55
N ASP E 90 6.98 -12.14 21.13
CA ASP E 90 5.58 -12.54 20.84
C ASP E 90 5.41 -13.16 19.46
N VAL E 91 6.49 -13.46 18.74
CA VAL E 91 6.40 -14.24 17.48
C VAL E 91 5.89 -15.65 17.80
N VAL E 92 5.06 -16.17 16.92
CA VAL E 92 4.57 -17.57 16.99
C VAL E 92 4.92 -18.22 15.66
N ILE E 93 5.75 -19.25 15.71
CA ILE E 93 6.19 -20.02 14.52
C ILE E 93 5.60 -21.43 14.64
N GLY E 94 4.91 -21.88 13.59
CA GLY E 94 4.25 -23.20 13.53
C GLY E 94 5.25 -24.27 13.23
N ASN E 95 4.80 -25.46 12.82
CA ASN E 95 5.71 -26.62 12.67
C ASN E 95 6.42 -26.55 11.31
N ASN E 96 7.64 -27.08 11.22
CA ASN E 96 8.27 -27.38 9.91
C ASN E 96 8.57 -26.09 9.16
N VAL E 97 8.84 -25.02 9.90
CA VAL E 97 9.23 -23.69 9.35
C VAL E 97 10.76 -23.65 9.22
N THR E 98 11.23 -23.08 8.12
CA THR E 98 12.68 -22.82 7.91
C THR E 98 12.90 -21.31 7.94
N LEU E 99 13.78 -20.83 8.83
CA LEU E 99 14.30 -19.45 8.72
C LEU E 99 15.76 -19.53 8.27
N SER E 100 16.03 -18.98 7.10
CA SER E 100 17.39 -18.93 6.56
C SER E 100 18.22 -17.89 7.33
N SER E 101 19.50 -17.79 7.00
CA SER E 101 20.43 -16.91 7.73
CA SER E 101 20.43 -16.90 7.72
C SER E 101 19.92 -15.45 7.72
N HIS E 102 20.00 -14.78 8.86
CA HIS E 102 19.71 -13.33 9.03
C HIS E 102 18.25 -12.98 8.68
N VAL E 103 17.33 -13.94 8.67
CA VAL E 103 15.88 -13.64 8.56
C VAL E 103 15.48 -12.80 9.79
N MET E 104 14.68 -11.76 9.59
CA MET E 104 14.25 -10.86 10.68
C MET E 104 12.71 -10.91 10.79
N LEU E 105 12.21 -11.38 11.92
CA LEU E 105 10.76 -11.44 12.21
C LEU E 105 10.46 -10.36 13.25
N GLY E 106 9.67 -9.36 12.84
CA GLY E 106 9.23 -8.30 13.75
C GLY E 106 8.31 -8.80 14.86
N GLY E 107 8.09 -7.97 15.87
CA GLY E 107 7.17 -8.27 17.00
C GLY E 107 5.84 -8.82 16.54
N HIS E 108 5.36 -9.89 17.19
CA HIS E 108 4.00 -10.46 17.04
C HIS E 108 3.80 -11.11 15.67
N VAL E 109 4.85 -11.35 14.87
CA VAL E 109 4.71 -12.03 13.56
C VAL E 109 4.30 -13.47 13.82
N GLU E 110 3.37 -13.96 13.01
CA GLU E 110 2.97 -15.38 12.98
C GLU E 110 3.50 -15.98 11.68
N VAL E 111 4.20 -17.11 11.77
CA VAL E 111 4.64 -17.90 10.60
C VAL E 111 4.00 -19.28 10.68
N MET E 112 3.25 -19.66 9.65
CA MET E 112 2.43 -20.88 9.68
C MET E 112 3.21 -22.07 9.11
N GLU E 113 2.66 -23.25 9.34
CA GLU E 113 3.18 -24.57 8.91
C GLU E 113 3.95 -24.53 7.59
N GLY E 114 5.20 -24.98 7.60
CA GLY E 114 5.95 -25.30 6.37
C GLY E 114 6.48 -24.07 5.63
N ALA E 115 6.29 -22.85 6.13
CA ALA E 115 6.80 -21.64 5.44
C ALA E 115 8.34 -21.70 5.41
N ASN E 116 8.89 -21.16 4.35
CA ASN E 116 10.34 -21.11 4.05
C ASN E 116 10.71 -19.64 3.81
N LEU E 117 11.49 -19.08 4.72
CA LEU E 117 11.92 -17.67 4.65
C LEU E 117 13.39 -17.65 4.26
N GLY E 118 13.67 -17.01 3.12
CA GLY E 118 15.01 -17.01 2.51
C GLY E 118 15.94 -16.02 3.19
N MET E 119 17.22 -16.07 2.83
CA MET E 119 18.26 -15.32 3.56
C MET E 119 17.92 -13.83 3.61
N GLY E 120 17.96 -13.26 4.81
CA GLY E 120 17.91 -11.81 5.00
C GLY E 120 16.57 -11.21 4.63
N CYS E 121 15.51 -12.00 4.51
CA CYS E 121 14.17 -11.38 4.35
C CYS E 121 13.74 -10.78 5.68
N ILE E 122 12.85 -9.79 5.61
CA ILE E 122 12.51 -8.90 6.75
C ILE E 122 10.99 -8.80 6.80
N ILE E 123 10.40 -9.16 7.94
CA ILE E 123 8.92 -9.25 8.08
C ILE E 123 8.46 -8.21 9.09
N HIS E 124 7.67 -7.27 8.63
CA HIS E 124 7.09 -6.19 9.48
C HIS E 124 6.36 -6.80 10.68
N GLN E 125 6.47 -6.14 11.83
CA GLN E 125 5.73 -6.51 13.07
C GLN E 125 4.25 -6.73 12.73
N ARG E 126 3.64 -7.75 13.36
CA ARG E 126 2.18 -8.06 13.28
C ARG E 126 1.79 -8.68 11.95
N GLN E 127 2.75 -9.03 11.08
CA GLN E 127 2.47 -9.73 9.82
C GLN E 127 2.18 -11.20 10.09
N LYS E 128 1.60 -11.85 9.10
CA LYS E 128 1.32 -13.30 9.10
C LYS E 128 1.82 -13.89 7.78
N ILE E 129 2.73 -14.85 7.87
CA ILE E 129 3.20 -15.62 6.69
C ILE E 129 2.44 -16.94 6.69
N TRP E 130 1.66 -17.20 5.64
CA TRP E 130 0.71 -18.34 5.63
C TRP E 130 1.44 -19.61 5.18
N HIS E 131 0.75 -20.74 5.25
CA HIS E 131 1.29 -22.11 5.09
C HIS E 131 2.08 -22.24 3.78
N TYR E 132 3.27 -22.85 3.83
CA TYR E 132 4.06 -23.27 2.64
C TYR E 132 4.41 -22.08 1.76
N CYS E 133 4.42 -20.87 2.32
CA CYS E 133 4.93 -19.68 1.61
C CYS E 133 6.44 -19.81 1.41
N MET E 134 6.94 -19.21 0.36
CA MET E 134 8.39 -19.06 0.11
C MET E 134 8.70 -17.58 0.03
N ILE E 135 9.39 -17.03 1.04
CA ILE E 135 9.75 -15.61 1.03
C ILE E 135 11.18 -15.53 0.50
N GLY E 136 11.39 -14.83 -0.60
CA GLY E 136 12.71 -14.84 -1.27
C GLY E 136 13.78 -14.13 -0.47
N MET E 137 15.04 -14.42 -0.78
CA MET E 137 16.18 -13.64 -0.27
C MET E 137 15.87 -12.15 -0.28
N GLY E 138 16.05 -11.48 0.85
CA GLY E 138 16.09 -10.02 0.91
C GLY E 138 14.70 -9.41 0.69
N ALA E 139 13.64 -10.21 0.63
CA ALA E 139 12.27 -9.68 0.44
C ALA E 139 11.84 -8.86 1.66
N ILE E 140 11.14 -7.76 1.41
CA ILE E 140 10.73 -6.78 2.46
C ILE E 140 9.22 -6.83 2.56
N VAL E 141 8.72 -7.54 3.56
CA VAL E 141 7.27 -7.72 3.76
C VAL E 141 6.78 -6.54 4.58
N THR E 142 6.13 -5.58 3.92
CA THR E 142 5.67 -4.33 4.58
C THR E 142 4.36 -4.57 5.33
N LYS E 143 3.87 -3.55 6.03
CA LYS E 143 2.75 -3.64 7.00
C LYS E 143 1.48 -4.21 6.36
N LYS E 144 1.14 -3.80 5.13
CA LYS E 144 -0.22 -3.98 4.56
C LYS E 144 -0.28 -5.16 3.58
N LEU E 145 0.85 -5.79 3.27
CA LEU E 145 0.90 -6.90 2.28
C LEU E 145 0.00 -8.06 2.76
N VAL E 146 -0.82 -8.59 1.86
CA VAL E 146 -1.58 -9.84 2.10
C VAL E 146 -0.72 -10.99 1.61
N ILE E 147 -0.21 -11.80 2.53
CA ILE E 147 0.67 -12.97 2.20
C ILE E 147 -0.17 -14.23 2.07
N GLU E 148 -0.45 -14.62 0.82
CA GLU E 148 -1.35 -15.75 0.49
C GLU E 148 -0.61 -17.07 0.79
N PRO E 149 -1.34 -18.10 1.24
CA PRO E 149 -0.77 -19.42 1.43
C PRO E 149 -0.22 -19.97 0.11
N PHE E 150 0.83 -20.79 0.19
CA PHE E 150 1.40 -21.58 -0.94
C PHE E 150 2.09 -20.67 -1.96
N SER E 151 2.47 -19.46 -1.60
CA SER E 151 2.86 -18.42 -2.59
C SER E 151 4.32 -17.96 -2.38
N ILE E 152 4.97 -17.55 -3.47
CA ILE E 152 6.35 -16.98 -3.50
C ILE E 152 6.26 -15.45 -3.53
N TYR E 153 7.02 -14.79 -2.66
CA TYR E 153 7.12 -13.31 -2.56
C TYR E 153 8.58 -12.95 -2.75
N VAL E 154 8.83 -11.94 -3.58
CA VAL E 154 10.18 -11.36 -3.79
C VAL E 154 10.06 -9.85 -3.81
N GLY E 155 11.17 -9.21 -3.46
CA GLY E 155 11.43 -7.81 -3.82
C GLY E 155 11.32 -6.90 -2.64
N ASN E 156 11.67 -5.65 -2.91
CA ASN E 156 11.56 -4.48 -2.00
C ASN E 156 10.68 -3.45 -2.69
N PRO E 157 9.37 -3.33 -2.38
CA PRO E 157 8.68 -4.20 -1.43
C PRO E 157 8.34 -5.58 -1.99
N ALA E 158 7.92 -6.51 -1.13
CA ALA E 158 7.62 -7.89 -1.53
C ALA E 158 6.30 -7.91 -2.32
N LYS E 159 6.26 -8.75 -3.33
CA LYS E 159 5.04 -8.99 -4.16
C LYS E 159 5.02 -10.46 -4.55
N LYS E 160 3.81 -11.02 -4.70
CA LYS E 160 3.61 -12.42 -5.13
C LYS E 160 4.11 -12.54 -6.56
N ILE E 161 4.88 -13.59 -6.85
CA ILE E 161 5.32 -13.87 -8.25
C ILE E 161 4.79 -15.22 -8.70
N GLY E 162 4.20 -16.00 -7.80
CA GLY E 162 3.78 -17.36 -8.19
C GLY E 162 3.44 -18.25 -7.04
N THR E 163 3.27 -19.52 -7.35
CA THR E 163 2.92 -20.58 -6.37
CA THR E 163 2.91 -20.61 -6.41
C THR E 163 4.18 -21.36 -6.01
N ASN E 164 4.26 -21.81 -4.76
CA ASN E 164 5.42 -22.52 -4.19
C ASN E 164 5.26 -24.01 -4.50
N ASP E 165 5.34 -24.39 -5.78
CA ASP E 165 5.17 -25.79 -6.24
C ASP E 165 6.21 -26.68 -5.54
N LYS E 166 7.47 -26.25 -5.50
CA LYS E 166 8.56 -27.04 -4.86
C LYS E 166 8.13 -27.40 -3.42
N GLY E 167 7.70 -26.42 -2.63
CA GLY E 167 7.32 -26.60 -1.22
C GLY E 167 6.08 -27.49 -1.03
N ILE E 168 5.02 -27.26 -1.79
CA ILE E 168 3.79 -28.10 -1.77
C ILE E 168 4.21 -29.55 -2.05
N GLU E 169 4.94 -29.76 -3.14
CA GLU E 169 5.46 -31.08 -3.61
C GLU E 169 6.16 -31.77 -2.43
N LYS E 170 7.26 -31.18 -1.94
CA LYS E 170 8.14 -31.74 -0.88
C LYS E 170 7.30 -32.10 0.36
N SER E 171 6.35 -31.23 0.73
CA SER E 171 5.42 -31.43 1.88
C SER E 171 4.60 -32.72 1.68
N GLY E 172 4.25 -33.04 0.43
CA GLY E 172 3.45 -34.22 0.06
C GLY E 172 2.04 -34.12 0.60
N ILE E 173 1.25 -33.19 0.06
CA ILE E 173 -0.05 -32.73 0.65
C ILE E 173 -1.08 -32.66 -0.48
N ASP E 174 -2.35 -32.96 -0.19
CA ASP E 174 -3.43 -33.21 -1.20
C ASP E 174 -4.12 -31.90 -1.61
N GLU E 175 -5.01 -31.99 -2.60
CA GLU E 175 -5.87 -30.86 -3.08
C GLU E 175 -6.82 -30.45 -1.95
N ARG E 176 -7.21 -31.40 -1.09
CA ARG E 176 -8.22 -31.20 -0.02
C ARG E 176 -7.57 -30.38 1.11
N ALA E 177 -6.42 -30.86 1.63
CA ALA E 177 -5.61 -30.18 2.66
C ALA E 177 -5.33 -28.73 2.23
N MET E 178 -4.87 -28.53 0.99
CA MET E 178 -4.63 -27.18 0.41
C MET E 178 -5.93 -26.36 0.39
N ALA E 179 -7.04 -26.91 -0.13
CA ALA E 179 -8.36 -26.23 -0.16
C ALA E 179 -8.74 -25.82 1.26
N THR E 180 -8.53 -26.69 2.24
CA THR E 180 -8.83 -26.44 3.68
C THR E 180 -7.99 -25.27 4.22
N ILE E 181 -6.72 -25.20 3.84
CA ILE E 181 -5.83 -24.11 4.33
C ILE E 181 -6.36 -22.84 3.68
N GLN E 182 -6.80 -22.92 2.42
CA GLN E 182 -7.42 -21.77 1.72
C GLN E 182 -8.66 -21.30 2.51
N GLU E 183 -9.48 -22.21 3.03
CA GLU E 183 -10.71 -21.85 3.80
C GLU E 183 -10.33 -21.11 5.09
N GLU E 184 -9.30 -21.59 5.80
CA GLU E 184 -8.76 -20.94 7.03
C GLU E 184 -8.23 -19.53 6.68
N PHE E 185 -7.49 -19.40 5.59
CA PHE E 185 -6.96 -18.09 5.10
C PHE E 185 -8.15 -17.16 4.75
N ASN E 186 -9.10 -17.66 3.97
CA ASN E 186 -10.24 -16.82 3.48
C ASN E 186 -11.04 -16.33 4.70
N ALA E 187 -11.31 -17.22 5.67
CA ALA E 187 -12.17 -16.98 6.84
C ALA E 187 -11.40 -16.31 7.98
N ARG E 188 -10.17 -15.83 7.75
CA ARG E 188 -9.23 -15.40 8.80
C ARG E 188 -9.72 -14.14 9.53
N ARG E 189 -9.20 -13.90 10.74
CA ARG E 189 -9.47 -12.75 11.64
C ARG E 189 -8.82 -11.49 11.07
N ASN F 7 50.55 -19.95 15.51
CA ASN F 7 50.90 -18.56 15.05
C ASN F 7 49.64 -17.77 14.64
N ALA F 8 48.56 -18.43 14.23
CA ALA F 8 47.24 -17.78 14.04
C ALA F 8 46.84 -17.12 15.37
N GLN F 9 46.22 -15.95 15.31
CA GLN F 9 45.65 -15.26 16.49
C GLN F 9 44.15 -15.49 16.49
N ILE F 10 43.69 -16.30 17.43
CA ILE F 10 42.27 -16.72 17.56
C ILE F 10 41.76 -16.18 18.88
N HIS F 11 40.75 -15.34 18.85
CA HIS F 11 40.12 -14.79 20.07
C HIS F 11 39.61 -15.96 20.91
N PRO F 12 39.82 -15.93 22.24
CA PRO F 12 39.30 -17.00 23.08
C PRO F 12 37.78 -17.25 22.98
N SER F 13 36.97 -16.25 22.65
CA SER F 13 35.49 -16.37 22.54
C SER F 13 35.09 -16.96 21.18
N ALA F 14 36.01 -17.10 20.23
CA ALA F 14 35.71 -17.77 18.93
C ALA F 14 35.42 -19.25 19.21
N VAL F 15 34.44 -19.80 18.51
CA VAL F 15 34.00 -21.20 18.73
C VAL F 15 34.48 -21.95 17.51
N ILE F 16 35.44 -22.86 17.67
CA ILE F 16 36.15 -23.51 16.54
C ILE F 16 35.94 -25.01 16.69
N HIS F 17 35.30 -25.63 15.70
CA HIS F 17 34.98 -27.08 15.70
C HIS F 17 36.30 -27.85 15.61
N GLU F 18 36.35 -29.02 16.27
CA GLU F 18 37.49 -29.95 16.08
C GLU F 18 37.67 -30.19 14.58
N GLY F 19 38.92 -30.17 14.11
CA GLY F 19 39.28 -30.52 12.72
C GLY F 19 39.52 -29.30 11.86
N VAL F 20 39.04 -28.13 12.25
CA VAL F 20 39.19 -26.90 11.41
C VAL F 20 40.68 -26.65 11.15
N ILE F 21 41.01 -26.36 9.89
CA ILE F 21 42.40 -26.13 9.42
C ILE F 21 42.60 -24.61 9.35
N ILE F 22 43.45 -24.08 10.21
CA ILE F 22 43.78 -22.63 10.26
C ILE F 22 45.27 -22.45 10.00
N GLU F 23 45.62 -21.78 8.92
CA GLU F 23 47.05 -21.60 8.53
C GLU F 23 47.69 -20.43 9.29
N ASP F 24 48.96 -20.15 9.01
CA ASP F 24 49.72 -19.05 9.67
C ASP F 24 49.16 -17.69 9.28
N ASP F 25 49.33 -16.70 10.15
CA ASP F 25 49.00 -15.27 9.93
C ASP F 25 47.51 -15.15 9.65
N VAL F 26 46.71 -16.03 10.24
CA VAL F 26 45.23 -15.90 10.23
C VAL F 26 44.81 -15.22 11.54
N TYR F 27 43.85 -14.29 11.44
CA TYR F 27 43.22 -13.60 12.57
C TYR F 27 41.77 -14.07 12.63
N ILE F 28 41.37 -14.62 13.77
CA ILE F 28 39.95 -14.96 14.02
C ILE F 28 39.46 -14.16 15.23
N GLY F 29 38.50 -13.29 14.99
CA GLY F 29 37.98 -12.35 15.99
C GLY F 29 36.98 -12.97 16.94
N PRO F 30 36.48 -12.15 17.89
CA PRO F 30 35.56 -12.62 18.91
C PRO F 30 34.30 -13.24 18.29
N ASN F 31 33.86 -14.32 18.93
CA ASN F 31 32.50 -14.90 18.76
C ASN F 31 32.33 -15.46 17.34
N CYS F 32 33.40 -15.68 16.58
CA CYS F 32 33.24 -16.38 15.27
C CYS F 32 32.73 -17.81 15.56
N ILE F 33 32.00 -18.40 14.62
CA ILE F 33 31.57 -19.82 14.72
C ILE F 33 32.10 -20.50 13.46
N ILE F 34 33.15 -21.30 13.61
CA ILE F 34 33.90 -21.87 12.46
C ILE F 34 33.83 -23.40 12.53
N GLY F 35 33.30 -24.03 11.49
CA GLY F 35 33.40 -25.49 11.36
C GLY F 35 32.19 -26.22 11.92
N TYR F 36 31.14 -25.51 12.30
CA TYR F 36 29.89 -26.12 12.82
C TYR F 36 29.10 -26.66 11.64
N PRO F 37 28.14 -27.55 11.89
CA PRO F 37 27.58 -28.36 10.82
C PRO F 37 26.92 -27.57 9.69
N PRO F 38 26.97 -28.13 8.47
CA PRO F 38 26.34 -27.51 7.32
C PRO F 38 24.82 -27.38 7.56
N GLU F 39 24.27 -26.25 7.16
CA GLU F 39 22.82 -25.96 7.28
C GLU F 39 22.12 -26.61 6.08
N ASP F 40 22.34 -27.91 5.95
CA ASP F 40 21.71 -28.75 4.91
C ASP F 40 20.96 -29.83 5.68
N LYS F 41 19.63 -29.78 5.64
CA LYS F 41 18.77 -30.66 6.46
C LYS F 41 19.12 -32.14 6.20
N ALA F 42 19.66 -32.45 5.02
CA ALA F 42 20.02 -33.84 4.63
C ALA F 42 21.26 -34.33 5.39
N VAL F 43 22.04 -33.41 5.97
CA VAL F 43 23.40 -33.72 6.53
C VAL F 43 23.42 -33.34 8.02
N PHE F 44 22.86 -32.18 8.37
CA PHE F 44 22.89 -31.61 9.74
C PHE F 44 22.43 -32.65 10.76
N PRO F 45 23.05 -32.77 11.95
CA PRO F 45 24.22 -31.98 12.36
C PRO F 45 25.60 -32.64 12.24
N GLN F 46 25.77 -33.59 11.32
CA GLN F 46 27.06 -34.34 11.26
C GLN F 46 27.64 -34.30 9.86
N THR F 47 28.95 -34.06 9.79
CA THR F 47 29.73 -34.19 8.52
C THR F 47 31.17 -34.55 8.89
N PRO F 48 31.85 -35.35 8.06
CA PRO F 48 33.28 -35.59 8.24
C PRO F 48 34.13 -34.44 7.67
N TYR F 49 33.53 -33.48 6.97
CA TYR F 49 34.28 -32.34 6.36
C TYR F 49 34.35 -31.19 7.36
N THR F 50 35.16 -30.19 7.03
CA THR F 50 35.45 -29.07 7.95
C THR F 50 35.60 -27.80 7.11
N VAL F 51 36.36 -26.87 7.63
CA VAL F 51 36.69 -25.54 7.05
C VAL F 51 38.21 -25.46 6.98
N HIS F 52 38.72 -24.88 5.91
CA HIS F 52 40.17 -24.64 5.71
C HIS F 52 40.32 -23.12 5.47
N ILE F 53 41.01 -22.44 6.35
CA ILE F 53 41.29 -20.98 6.22
C ILE F 53 42.78 -20.76 5.93
N CYS F 54 43.10 -20.09 4.81
CA CYS F 54 44.48 -19.99 4.29
C CYS F 54 45.18 -18.73 4.81
N SER F 55 46.51 -18.77 4.73
CA SER F 55 47.42 -17.79 5.39
CA SER F 55 47.40 -17.79 5.41
C SER F 55 47.04 -16.36 4.97
N GLY F 56 47.15 -15.42 5.90
CA GLY F 56 46.96 -13.98 5.66
C GLY F 56 45.52 -13.52 5.85
N THR F 57 44.57 -14.45 6.01
CA THR F 57 43.14 -14.10 6.06
C THR F 57 42.80 -13.55 7.45
N LYS F 58 42.00 -12.50 7.48
CA LYS F 58 41.50 -11.86 8.70
C LYS F 58 40.00 -11.98 8.73
N ILE F 59 39.48 -12.52 9.82
CA ILE F 59 38.03 -12.71 10.05
C ILE F 59 37.74 -11.93 11.32
N THR F 60 37.03 -10.82 11.23
CA THR F 60 37.13 -9.77 12.29
C THR F 60 36.22 -10.06 13.48
N GLY F 61 35.12 -10.79 13.34
CA GLY F 61 34.24 -11.03 14.49
C GLY F 61 32.82 -11.40 14.13
N ASN F 62 32.22 -12.28 14.92
CA ASN F 62 30.83 -12.70 14.74
C ASN F 62 30.64 -13.28 13.32
N VAL F 63 31.69 -13.79 12.70
CA VAL F 63 31.57 -14.41 11.35
C VAL F 63 31.25 -15.89 11.54
N THR F 64 30.35 -16.41 10.71
CA THR F 64 30.01 -17.86 10.70
C THR F 64 30.52 -18.46 9.40
N ILE F 65 31.26 -19.58 9.48
CA ILE F 65 31.78 -20.33 8.31
C ILE F 65 31.52 -21.81 8.61
N ASP F 66 30.57 -22.41 7.92
CA ASP F 66 30.09 -23.79 8.23
C ASP F 66 31.00 -24.80 7.56
N ALA F 67 31.17 -25.96 8.19
CA ALA F 67 31.76 -27.16 7.57
C ALA F 67 30.99 -27.55 6.30
N GLY F 68 31.69 -28.20 5.37
CA GLY F 68 31.14 -28.62 4.08
C GLY F 68 30.28 -29.88 4.20
N THR F 69 29.59 -30.19 3.11
CA THR F 69 28.84 -31.45 2.91
C THR F 69 29.64 -32.39 2.00
N ILE F 70 30.41 -31.86 1.04
CA ILE F 70 31.08 -32.69 0.00
C ILE F 70 32.57 -32.39 -0.05
N LYS F 71 33.02 -31.34 0.66
CA LYS F 71 34.38 -30.78 0.56
C LYS F 71 34.61 -29.92 1.80
N ASN F 72 35.85 -29.54 2.10
CA ASN F 72 36.09 -28.53 3.15
C ASN F 72 35.65 -27.20 2.58
N THR F 73 34.80 -26.47 3.29
CA THR F 73 34.57 -25.04 3.03
C THR F 73 35.92 -24.34 3.03
N TYR F 74 36.20 -23.51 2.04
CA TYR F 74 37.58 -23.03 1.79
C TYR F 74 37.61 -21.51 1.67
N ILE F 75 38.48 -20.91 2.46
CA ILE F 75 38.79 -19.45 2.43
C ILE F 75 40.24 -19.31 1.99
N GLY F 76 40.46 -18.66 0.85
CA GLY F 76 41.82 -18.54 0.29
C GLY F 76 42.67 -17.53 1.04
N ASN F 77 43.82 -17.16 0.45
CA ASN F 77 44.86 -16.36 1.12
C ASN F 77 44.47 -14.87 1.12
N ASP F 78 44.78 -14.17 2.21
CA ASP F 78 44.75 -12.69 2.26
C ASP F 78 43.31 -12.19 2.02
N CYS F 79 42.33 -12.92 2.52
CA CYS F 79 40.92 -12.46 2.48
C CYS F 79 40.63 -11.62 3.72
N PHE F 80 39.54 -10.88 3.68
CA PHE F 80 39.13 -10.00 4.79
C PHE F 80 37.62 -10.14 4.94
N LEU F 81 37.19 -10.76 6.03
CA LEU F 81 35.76 -11.04 6.31
C LEU F 81 35.35 -10.22 7.51
N MET F 82 34.34 -9.38 7.31
CA MET F 82 33.91 -8.37 8.31
C MET F 82 32.69 -8.87 9.10
N LYS F 83 32.32 -8.10 10.12
CA LYS F 83 31.44 -8.55 11.22
C LYS F 83 30.14 -9.15 10.68
N GLY F 84 29.78 -10.34 11.14
CA GLY F 84 28.45 -10.92 10.89
C GLY F 84 28.35 -11.60 9.54
N ALA F 85 29.42 -11.68 8.75
CA ALA F 85 29.39 -12.34 7.41
C ALA F 85 28.99 -13.82 7.63
N TYR F 86 28.22 -14.36 6.70
CA TYR F 86 27.69 -15.74 6.72
C TYR F 86 28.28 -16.49 5.52
N VAL F 87 29.09 -17.51 5.79
CA VAL F 87 29.66 -18.39 4.72
C VAL F 87 29.08 -19.79 4.92
N ALA F 88 28.23 -20.21 3.98
CA ALA F 88 27.54 -21.49 4.05
C ALA F 88 28.50 -22.61 3.69
N HIS F 89 28.02 -23.81 3.95
CA HIS F 89 28.65 -25.08 3.55
C HIS F 89 29.14 -25.09 2.11
N ASP F 90 30.37 -25.59 1.92
CA ASP F 90 30.96 -25.92 0.61
C ASP F 90 31.29 -24.66 -0.19
N VAL F 91 31.21 -23.48 0.42
CA VAL F 91 31.65 -22.24 -0.27
C VAL F 91 33.16 -22.34 -0.53
N VAL F 92 33.59 -21.82 -1.67
CA VAL F 92 35.02 -21.65 -1.99
C VAL F 92 35.26 -20.18 -2.27
N ILE F 93 36.10 -19.54 -1.44
CA ILE F 93 36.53 -18.14 -1.62
C ILE F 93 37.99 -18.17 -2.06
N GLY F 94 38.26 -17.53 -3.19
CA GLY F 94 39.62 -17.37 -3.71
C GLY F 94 40.40 -16.31 -2.94
N ASN F 95 41.53 -15.93 -3.50
CA ASN F 95 42.50 -15.04 -2.80
C ASN F 95 42.05 -13.59 -2.88
N ASN F 96 42.34 -12.81 -1.84
CA ASN F 96 42.24 -11.33 -1.87
C ASN F 96 40.78 -10.91 -2.00
N VAL F 97 39.88 -11.69 -1.44
CA VAL F 97 38.43 -11.35 -1.44
C VAL F 97 38.09 -10.58 -0.19
N THR F 98 37.20 -9.59 -0.33
CA THR F 98 36.65 -8.84 0.81
C THR F 98 35.15 -9.14 0.92
N LEU F 99 34.73 -9.58 2.10
CA LEU F 99 33.30 -9.65 2.46
C LEU F 99 33.06 -8.58 3.51
N SER F 100 32.19 -7.64 3.19
CA SER F 100 31.76 -6.59 4.12
C SER F 100 30.84 -7.21 5.18
N SER F 101 30.43 -6.40 6.15
CA SER F 101 29.52 -6.82 7.24
C SER F 101 28.24 -7.48 6.71
N HIS F 102 27.82 -8.59 7.32
CA HIS F 102 26.53 -9.26 7.05
C HIS F 102 26.42 -9.72 5.60
N VAL F 103 27.51 -9.89 4.86
CA VAL F 103 27.42 -10.56 3.53
C VAL F 103 26.92 -11.98 3.76
N MET F 104 26.01 -12.47 2.92
CA MET F 104 25.49 -13.85 3.02
C MET F 104 25.85 -14.62 1.75
N LEU F 105 26.66 -15.67 1.89
CA LEU F 105 27.02 -16.58 0.77
C LEU F 105 26.28 -17.89 0.97
N GLY F 106 25.32 -18.19 0.09
CA GLY F 106 24.60 -19.47 0.09
C GLY F 106 25.50 -20.66 -0.17
N GLY F 107 24.99 -21.85 0.11
CA GLY F 107 25.70 -23.12 -0.11
C GLY F 107 26.36 -23.17 -1.47
N HIS F 108 27.61 -23.64 -1.51
CA HIS F 108 28.33 -24.00 -2.76
C HIS F 108 28.70 -22.75 -3.59
N VAL F 109 28.49 -21.54 -3.06
CA VAL F 109 28.88 -20.31 -3.79
C VAL F 109 30.40 -20.34 -3.99
N GLU F 110 30.83 -19.92 -5.16
CA GLU F 110 32.26 -19.69 -5.47
C GLU F 110 32.48 -18.19 -5.65
N VAL F 111 33.49 -17.64 -5.00
CA VAL F 111 33.86 -16.21 -5.11
C VAL F 111 35.29 -16.19 -5.63
N MET F 112 35.51 -15.56 -6.77
CA MET F 112 36.85 -15.58 -7.41
C MET F 112 37.73 -14.41 -6.93
N GLU F 113 39.03 -14.53 -7.26
CA GLU F 113 40.13 -13.58 -6.97
C GLU F 113 39.67 -12.11 -6.94
N GLY F 114 39.89 -11.44 -5.81
CA GLY F 114 39.78 -9.97 -5.71
C GLY F 114 38.36 -9.45 -5.69
N ALA F 115 37.33 -10.29 -5.65
CA ALA F 115 35.93 -9.81 -5.59
C ALA F 115 35.69 -9.00 -4.31
N ASN F 116 34.82 -8.00 -4.36
CA ASN F 116 34.51 -7.14 -3.21
C ASN F 116 33.00 -7.19 -3.01
N LEU F 117 32.53 -7.73 -1.88
CA LEU F 117 31.09 -7.88 -1.62
C LEU F 117 30.70 -6.86 -0.56
N GLY F 118 29.74 -5.99 -0.90
CA GLY F 118 29.38 -4.88 -0.03
C GLY F 118 28.42 -5.29 1.07
N MET F 119 28.18 -4.38 2.00
CA MET F 119 27.40 -4.69 3.23
C MET F 119 26.07 -5.33 2.89
N GLY F 120 25.78 -6.46 3.55
CA GLY F 120 24.46 -7.09 3.51
C GLY F 120 24.06 -7.60 2.13
N CYS F 121 24.97 -7.75 1.17
CA CYS F 121 24.52 -8.37 -0.11
C CYS F 121 24.30 -9.86 0.13
N ILE F 122 23.49 -10.49 -0.71
CA ILE F 122 22.97 -11.87 -0.51
C ILE F 122 23.16 -12.63 -1.82
N ILE F 123 23.91 -13.73 -1.76
CA ILE F 123 24.25 -14.55 -2.95
C ILE F 123 23.54 -15.90 -2.89
N HIS F 124 22.65 -16.18 -3.84
CA HIS F 124 21.93 -17.48 -3.98
C HIS F 124 22.94 -18.63 -3.97
N GLN F 125 22.56 -19.75 -3.36
CA GLN F 125 23.35 -21.02 -3.39
C GLN F 125 23.72 -21.31 -4.84
N ARG F 126 24.94 -21.83 -5.03
CA ARG F 126 25.52 -22.35 -6.30
C ARG F 126 25.82 -21.21 -7.29
N GLN F 127 25.79 -19.95 -6.87
CA GLN F 127 26.21 -18.81 -7.72
C GLN F 127 27.74 -18.76 -7.77
N LYS F 128 28.22 -17.98 -8.72
CA LYS F 128 29.65 -17.74 -8.97
C LYS F 128 29.85 -16.23 -9.13
N ILE F 129 30.65 -15.66 -8.24
CA ILE F 129 31.02 -14.23 -8.32
C ILE F 129 32.41 -14.18 -8.93
N TRP F 130 32.53 -13.59 -10.11
CA TRP F 130 33.76 -13.68 -10.93
C TRP F 130 34.81 -12.63 -10.47
N HIS F 131 35.99 -12.70 -11.04
CA HIS F 131 37.20 -11.95 -10.61
C HIS F 131 36.94 -10.44 -10.58
N TYR F 132 37.31 -9.81 -9.46
CA TYR F 132 37.32 -8.33 -9.30
C TYR F 132 35.90 -7.77 -9.50
N CYS F 133 34.85 -8.56 -9.31
CA CYS F 133 33.47 -8.04 -9.25
C CYS F 133 33.29 -7.15 -8.01
N MET F 134 32.37 -6.21 -8.09
CA MET F 134 31.91 -5.40 -6.94
C MET F 134 30.41 -5.65 -6.81
N ILE F 135 30.00 -6.25 -5.70
CA ILE F 135 28.55 -6.43 -5.40
C ILE F 135 28.16 -5.37 -4.40
N GLY F 136 27.20 -4.50 -4.75
CA GLY F 136 26.88 -3.35 -3.88
C GLY F 136 26.12 -3.76 -2.63
N MET F 137 26.06 -2.83 -1.67
CA MET F 137 25.27 -3.00 -0.40
C MET F 137 23.88 -3.50 -0.75
N GLY F 138 23.42 -4.53 -0.04
CA GLY F 138 22.04 -5.02 -0.11
C GLY F 138 21.66 -5.67 -1.42
N ALA F 139 22.60 -5.85 -2.36
CA ALA F 139 22.31 -6.46 -3.68
C ALA F 139 21.86 -7.91 -3.50
N ILE F 140 20.84 -8.30 -4.27
CA ILE F 140 20.25 -9.65 -4.22
C ILE F 140 20.63 -10.38 -5.49
N VAL F 141 21.60 -11.28 -5.41
CA VAL F 141 22.04 -12.06 -6.60
C VAL F 141 21.21 -13.34 -6.69
N THR F 142 20.27 -13.39 -7.64
CA THR F 142 19.34 -14.52 -7.89
C THR F 142 20.00 -15.61 -8.74
N LYS F 143 19.33 -16.77 -8.87
CA LYS F 143 19.95 -17.99 -9.48
C LYS F 143 20.28 -17.74 -10.95
N LYS F 144 19.53 -16.91 -11.67
CA LYS F 144 19.61 -16.85 -13.15
C LYS F 144 20.66 -15.80 -13.56
N LEU F 145 20.99 -14.85 -12.67
CA LEU F 145 21.93 -13.74 -13.00
C LEU F 145 23.27 -14.33 -13.43
N VAL F 146 23.74 -13.94 -14.62
CA VAL F 146 25.09 -14.27 -15.11
C VAL F 146 26.03 -13.16 -14.66
N ILE F 147 26.79 -13.43 -13.62
CA ILE F 147 27.80 -12.48 -13.14
C ILE F 147 28.94 -12.56 -14.17
N GLU F 148 29.49 -11.40 -14.52
CA GLU F 148 30.65 -11.28 -15.44
C GLU F 148 31.83 -10.77 -14.63
N PRO F 149 33.07 -11.19 -14.93
CA PRO F 149 34.23 -10.61 -14.26
C PRO F 149 34.31 -9.10 -14.44
N PHE F 150 34.90 -8.42 -13.45
CA PHE F 150 35.23 -6.97 -13.44
C PHE F 150 33.98 -6.11 -13.36
N SER F 151 32.81 -6.65 -13.02
CA SER F 151 31.53 -5.92 -13.16
C SER F 151 30.93 -5.54 -11.80
N ILE F 152 30.23 -4.40 -11.77
CA ILE F 152 29.51 -3.86 -10.58
C ILE F 152 28.05 -4.25 -10.69
N TYR F 153 27.51 -4.87 -9.63
CA TYR F 153 26.08 -5.23 -9.53
C TYR F 153 25.46 -4.56 -8.30
N VAL F 154 24.27 -3.99 -8.47
CA VAL F 154 23.49 -3.39 -7.36
C VAL F 154 22.03 -3.75 -7.54
N GLY F 155 21.28 -3.72 -6.44
CA GLY F 155 19.82 -3.63 -6.45
C GLY F 155 19.16 -4.91 -6.03
N ASN F 156 17.85 -4.83 -5.89
CA ASN F 156 16.96 -5.97 -5.63
C ASN F 156 15.97 -6.11 -6.78
N PRO F 157 16.11 -7.10 -7.69
CA PRO F 157 17.29 -7.98 -7.78
C PRO F 157 18.50 -7.30 -8.41
N ALA F 158 19.67 -7.93 -8.30
CA ALA F 158 20.94 -7.28 -8.70
C ALA F 158 20.99 -7.20 -10.24
N LYS F 159 21.50 -6.07 -10.72
CA LYS F 159 21.74 -5.81 -12.15
C LYS F 159 23.12 -5.15 -12.31
N LYS F 160 23.74 -5.41 -13.45
CA LYS F 160 25.04 -4.79 -13.80
C LYS F 160 24.86 -3.30 -14.06
N ILE F 161 25.70 -2.45 -13.46
CA ILE F 161 25.66 -0.98 -13.67
C ILE F 161 26.99 -0.46 -14.21
N GLY F 162 28.01 -1.30 -14.33
CA GLY F 162 29.29 -0.87 -14.94
C GLY F 162 30.45 -1.78 -14.62
N THR F 163 31.64 -1.18 -14.64
CA THR F 163 32.96 -1.87 -14.60
C THR F 163 33.69 -1.42 -13.34
N ASN F 164 34.35 -2.36 -12.66
CA ASN F 164 35.00 -2.11 -11.35
C ASN F 164 36.40 -1.52 -11.58
N ASP F 165 36.44 -0.29 -12.11
CA ASP F 165 37.70 0.37 -12.56
C ASP F 165 38.65 0.50 -11.36
N LYS F 166 38.16 0.89 -10.19
CA LYS F 166 39.01 1.15 -8.99
C LYS F 166 39.56 -0.19 -8.46
N GLY F 167 38.73 -1.22 -8.39
CA GLY F 167 39.17 -2.59 -8.03
C GLY F 167 40.25 -3.09 -8.98
N ILE F 168 40.06 -2.88 -10.30
CA ILE F 168 41.07 -3.29 -11.32
C ILE F 168 42.35 -2.46 -11.14
N GLU F 169 42.20 -1.16 -10.83
CA GLU F 169 43.33 -0.20 -10.61
C GLU F 169 44.15 -0.69 -9.41
N LYS F 170 43.50 -0.82 -8.25
CA LYS F 170 44.11 -1.26 -6.96
C LYS F 170 44.95 -2.52 -7.16
N SER F 171 44.43 -3.52 -7.88
CA SER F 171 45.05 -4.87 -8.03
C SER F 171 46.37 -4.79 -8.81
N GLY F 172 46.50 -3.81 -9.71
CA GLY F 172 47.67 -3.70 -10.61
C GLY F 172 47.69 -4.75 -11.71
N ILE F 173 46.56 -5.42 -11.97
CA ILE F 173 46.44 -6.42 -13.07
C ILE F 173 46.64 -5.70 -14.41
N ASP F 174 47.29 -6.35 -15.37
CA ASP F 174 47.57 -5.74 -16.70
C ASP F 174 46.57 -6.32 -17.68
N GLU F 175 46.62 -5.86 -18.94
CA GLU F 175 45.66 -6.24 -20.01
C GLU F 175 45.78 -7.73 -20.33
N ARG F 176 46.98 -8.31 -20.15
CA ARG F 176 47.26 -9.75 -20.42
C ARG F 176 46.47 -10.62 -19.44
N ALA F 177 46.49 -10.24 -18.16
CA ALA F 177 45.84 -10.99 -17.06
C ALA F 177 44.32 -10.79 -17.17
N MET F 178 43.86 -9.57 -17.50
CA MET F 178 42.41 -9.29 -17.70
C MET F 178 41.90 -10.14 -18.88
N ALA F 179 42.65 -10.21 -19.97
CA ALA F 179 42.31 -11.02 -21.17
C ALA F 179 42.22 -12.53 -20.83
N THR F 180 43.11 -13.07 -20.00
CA THR F 180 43.08 -14.49 -19.59
C THR F 180 41.83 -14.78 -18.75
N ILE F 181 41.48 -13.88 -17.84
CA ILE F 181 40.25 -14.00 -17.01
C ILE F 181 39.04 -13.94 -17.95
N GLN F 182 38.97 -12.89 -18.79
CA GLN F 182 37.84 -12.70 -19.74
C GLN F 182 37.66 -13.99 -20.55
N GLU F 183 38.75 -14.69 -20.85
CA GLU F 183 38.77 -15.92 -21.70
C GLU F 183 38.31 -17.15 -20.90
N GLU F 184 38.71 -17.28 -19.63
CA GLU F 184 38.17 -18.31 -18.69
C GLU F 184 36.65 -18.17 -18.59
N PHE F 185 36.15 -16.92 -18.49
CA PHE F 185 34.71 -16.63 -18.40
C PHE F 185 34.03 -16.98 -19.73
N ASN F 186 34.47 -16.34 -20.83
CA ASN F 186 33.87 -16.48 -22.18
C ASN F 186 33.85 -17.96 -22.60
N ALA F 187 34.49 -18.85 -21.82
CA ALA F 187 34.74 -20.27 -22.15
C ALA F 187 33.70 -21.20 -21.50
N ARG F 188 33.73 -21.35 -20.18
CA ARG F 188 32.82 -22.25 -19.42
C ARG F 188 31.54 -21.51 -19.01
N ARG F 189 31.58 -20.17 -18.89
CA ARG F 189 30.48 -19.34 -18.31
C ARG F 189 30.14 -18.15 -19.21
#